data_2Y27
#
_entry.id   2Y27
#
_cell.length_a   56.710
_cell.length_b   62.470
_cell.length_c   78.490
_cell.angle_alpha   90.97
_cell.angle_beta   109.81
_cell.angle_gamma   106.51
#
_symmetry.space_group_name_H-M   'P 1'
#
loop_
_entity.id
_entity.type
_entity.pdbx_description
1 polymer 'PHENYLACETATE-COENZYME A LIGASE'
2 non-polymer 'THIOCYANATE ION'
3 non-polymer GLYCEROL
4 non-polymer BETA-MERCAPTOETHANOL
5 non-polymer 'TETRAETHYLENE GLYCOL'
6 non-polymer "ADENOSINE-5'-TRIPHOSPHATE"
7 non-polymer 'MAGNESIUM ION'
8 water water
#
_entity_poly.entity_id   1
_entity_poly.type   'polypeptide(L)'
_entity_poly.pdbx_seq_one_letter_code
;GSH(MSE)ASTTPLPLEPIETASRDELTALQLERLKWSLRHAYDHSPVYRRKFDEAGVHPDDLKTLADLSRFPFTTKGDL
RDSYPFG(MSE)FAVPQDRISRIHASSGTTGKPTVVGYTAADIDTWANLVARSIRAAGARRGDKVHVSYGYGLFTGGLGA
HYGAERAGLTVIPFGGGQTEKQVQLIQDFRPDII(MSE)VTPSY(MSE)LSIADEIERQGLDPVQSSLRIGIFGAEPWTN
D(MSE)RVAIEQR(MSE)GIDAVDIYGLSEV(MSE)GPGVASECVETKDGPTIWEDHFYPEIIDPETGEVLPDGELGELV
FTSLTKEALPIIRYRTRDLTRLLPGTART(MSE)RR(MSE)EKITGRSDD(MSE)(MSE)IVRGVNVFPTQIEEQLLKQR
ALAPHYQIVLTKEGPLDVLTLNVEPCPETAPDTAAIQVAKQALAYDIKSLIGVTAVINVLPVNGIERSVGKARRVVDKRK
G
;
_entity_poly.pdbx_strand_id   A,B
#
# COMPACT_ATOMS: atom_id res chain seq x y z
N LEU A 12 2.46 24.97 -15.20
CA LEU A 12 3.36 24.01 -15.92
C LEU A 12 4.82 24.31 -15.59
N GLU A 13 5.68 23.30 -15.71
CA GLU A 13 7.12 23.51 -15.64
C GLU A 13 7.58 24.17 -16.93
N PRO A 14 8.61 25.04 -16.86
CA PRO A 14 9.21 25.65 -18.03
C PRO A 14 9.50 24.65 -19.16
N ILE A 15 10.02 23.47 -18.80
CA ILE A 15 10.43 22.49 -19.81
C ILE A 15 9.26 22.01 -20.66
N GLU A 16 8.04 22.04 -20.11
CA GLU A 16 6.90 21.47 -20.80
C GLU A 16 6.47 22.28 -22.03
N THR A 17 6.90 23.53 -22.08
CA THR A 17 6.66 24.38 -23.25
C THR A 17 7.95 24.94 -23.85
N ALA A 18 9.10 24.36 -23.50
CA ALA A 18 10.37 24.76 -24.09
C ALA A 18 10.33 24.54 -25.59
N SER A 19 11.24 25.19 -26.33
CA SER A 19 11.42 24.85 -27.74
C SER A 19 11.96 23.43 -27.90
N ARG A 20 11.75 22.83 -29.07
CA ARG A 20 12.33 21.54 -29.38
C ARG A 20 13.87 21.59 -29.39
N ASP A 21 14.42 22.73 -29.79
CA ASP A 21 15.87 22.91 -29.76
C ASP A 21 16.35 22.82 -28.31
N GLU A 22 15.64 23.49 -27.40
CA GLU A 22 16.01 23.48 -26.00
C GLU A 22 15.88 22.06 -25.42
N LEU A 23 14.81 21.37 -25.77
CA LEU A 23 14.56 20.02 -25.26
C LEU A 23 15.65 19.05 -25.74
N THR A 24 15.87 19.04 -27.05
CA THR A 24 16.98 18.29 -27.65
C THR A 24 18.30 18.50 -26.93
N ALA A 25 18.67 19.76 -26.70
CA ALA A 25 19.96 20.03 -26.06
C ALA A 25 20.00 19.41 -24.67
N LEU A 26 18.90 19.51 -23.95
CA LEU A 26 18.78 18.96 -22.59
C LEU A 26 18.89 17.43 -22.64
N GLN A 27 18.23 16.82 -23.62
CA GLN A 27 18.27 15.36 -23.76
C GLN A 27 19.66 14.87 -24.06
N LEU A 28 20.36 15.59 -24.91
CA LEU A 28 21.72 15.21 -25.26
C LEU A 28 22.67 15.24 -24.07
N GLU A 29 22.65 16.34 -23.31
CA GLU A 29 23.44 16.44 -22.08
C GLU A 29 23.11 15.31 -21.12
N ARG A 30 21.82 15.04 -20.95
CA ARG A 30 21.43 14.04 -19.97
C ARG A 30 21.73 12.61 -20.45
N LEU A 31 21.56 12.38 -21.74
CA LEU A 31 21.88 11.08 -22.33
C LEU A 31 23.36 10.77 -22.17
N LYS A 32 24.21 11.74 -22.44
CA LYS A 32 25.63 11.55 -22.23
C LYS A 32 25.93 11.17 -20.78
N TRP A 33 25.29 11.87 -19.84
CA TRP A 33 25.49 11.59 -18.42
C TRP A 33 25.05 10.16 -18.12
N SER A 34 23.88 9.80 -18.62
CA SER A 34 23.28 8.50 -18.32
C SER A 34 24.11 7.32 -18.85
N LEU A 35 24.55 7.45 -20.10
CA LEU A 35 25.41 6.43 -20.70
C LEU A 35 26.72 6.28 -19.93
N ARG A 36 27.32 7.40 -19.54
CA ARG A 36 28.55 7.35 -18.72
C ARG A 36 28.31 6.73 -17.34
N HIS A 37 27.21 7.12 -16.70
CA HIS A 37 26.85 6.56 -15.43
C HIS A 37 26.61 5.05 -15.48
N ALA A 38 25.96 4.59 -16.55
CA ALA A 38 25.72 3.14 -16.74
C ALA A 38 27.06 2.42 -16.95
N TYR A 39 27.89 2.95 -17.85
CA TYR A 39 29.15 2.30 -18.20
C TYR A 39 30.08 2.22 -16.99
N ASP A 40 30.10 3.28 -16.19
CA ASP A 40 31.04 3.38 -15.08
C ASP A 40 30.57 2.63 -13.85
N HIS A 41 29.25 2.61 -13.63
CA HIS A 41 28.72 2.22 -12.32
C HIS A 41 27.83 0.99 -12.35
N SER A 42 27.45 0.56 -13.55
CA SER A 42 26.60 -0.62 -13.68
C SER A 42 27.36 -1.76 -14.37
N PRO A 43 27.81 -2.77 -13.60
CA PRO A 43 28.63 -3.80 -14.21
C PRO A 43 27.98 -4.43 -15.44
N VAL A 44 26.67 -4.64 -15.41
CA VAL A 44 25.97 -5.16 -16.60
C VAL A 44 26.18 -4.33 -17.86
N TYR A 45 26.22 -3.00 -17.72
CA TYR A 45 26.37 -2.11 -18.85
C TYR A 45 27.82 -1.93 -19.28
N ARG A 46 28.74 -2.06 -18.33
CA ARG A 46 30.16 -2.10 -18.73
C ARG A 46 30.36 -3.28 -19.68
N ARG A 47 29.84 -4.45 -19.28
CA ARG A 47 29.94 -5.64 -20.13
C ARG A 47 29.17 -5.52 -21.46
N LYS A 48 27.91 -5.10 -21.39
CA LYS A 48 27.10 -4.97 -22.60
C LYS A 48 27.69 -4.03 -23.65
N PHE A 49 28.18 -2.87 -23.19
CA PHE A 49 28.78 -1.88 -24.05
C PHE A 49 30.09 -2.42 -24.64
N ASP A 50 30.92 -3.02 -23.80
CA ASP A 50 32.20 -3.57 -24.29
C ASP A 50 31.96 -4.69 -25.29
N GLU A 51 31.03 -5.59 -24.95
CA GLU A 51 30.72 -6.68 -25.87
C GLU A 51 29.94 -6.24 -27.13
N ALA A 52 29.50 -4.99 -27.17
CA ALA A 52 28.87 -4.42 -28.36
C ALA A 52 29.85 -3.54 -29.14
N GLY A 53 31.00 -3.27 -28.53
CA GLY A 53 31.99 -2.39 -29.13
C GLY A 53 31.69 -0.91 -29.15
N VAL A 54 30.94 -0.43 -28.16
CA VAL A 54 30.65 1.00 -28.02
C VAL A 54 31.09 1.55 -26.67
N HIS A 55 31.36 2.86 -26.64
CA HIS A 55 31.71 3.58 -25.43
CA HIS A 55 31.73 3.58 -25.44
C HIS A 55 30.78 4.76 -25.33
N PRO A 56 30.53 5.24 -24.11
CA PRO A 56 29.69 6.44 -23.93
C PRO A 56 30.12 7.60 -24.84
N ASP A 57 31.42 7.70 -25.12
CA ASP A 57 31.92 8.82 -25.92
C ASP A 57 31.45 8.79 -27.37
N ASP A 58 30.95 7.64 -27.82
CA ASP A 58 30.49 7.47 -29.19
C ASP A 58 29.18 8.22 -29.45
N LEU A 59 28.48 8.60 -28.40
CA LEU A 59 27.26 9.39 -28.58
C LEU A 59 27.62 10.86 -28.75
N LYS A 60 27.48 11.35 -29.98
CA LYS A 60 27.79 12.73 -30.31
C LYS A 60 26.48 13.49 -30.56
N THR A 61 25.49 12.76 -31.06
CA THR A 61 24.16 13.30 -31.28
C THR A 61 23.14 12.27 -30.81
N LEU A 62 21.88 12.69 -30.69
CA LEU A 62 20.81 11.77 -30.32
C LEU A 62 20.66 10.60 -31.31
N ALA A 63 20.91 10.87 -32.59
CA ALA A 63 20.83 9.82 -33.61
C ALA A 63 21.84 8.70 -33.35
N ASP A 64 22.92 9.01 -32.65
CA ASP A 64 23.94 8.01 -32.32
C ASP A 64 23.49 6.95 -31.31
N LEU A 65 22.33 7.16 -30.68
CA LEU A 65 21.86 6.20 -29.69
C LEU A 65 21.69 4.82 -30.29
N SER A 66 21.38 4.78 -31.58
CA SER A 66 21.15 3.51 -32.26
C SER A 66 22.42 2.66 -32.37
N ARG A 67 23.57 3.25 -32.09
CA ARG A 67 24.78 2.44 -31.99
C ARG A 67 24.75 1.45 -30.83
N PHE A 68 24.03 1.82 -29.76
CA PHE A 68 24.18 1.11 -28.50
C PHE A 68 23.30 -0.11 -28.46
N PRO A 69 23.73 -1.14 -27.72
CA PRO A 69 22.93 -2.35 -27.68
C PRO A 69 21.61 -2.14 -26.96
N PHE A 70 20.68 -3.07 -27.17
CA PHE A 70 19.41 -3.10 -26.44
C PHE A 70 19.55 -3.79 -25.09
N THR A 71 18.64 -3.48 -24.16
CA THR A 71 18.49 -4.25 -22.94
C THR A 71 17.12 -4.90 -23.01
N THR A 72 17.07 -6.18 -22.62
CA THR A 72 15.82 -6.94 -22.65
C THR A 72 15.42 -7.46 -21.28
N LYS A 73 14.16 -7.90 -21.19
CA LYS A 73 13.71 -8.59 -20.00
C LYS A 73 14.71 -9.61 -19.48
N GLY A 74 15.29 -10.40 -20.38
CA GLY A 74 16.27 -11.42 -20.01
C GLY A 74 17.46 -10.89 -19.24
N ASP A 75 17.95 -9.72 -19.63
CA ASP A 75 19.02 -9.07 -18.90
C ASP A 75 18.63 -8.89 -17.45
N LEU A 76 17.41 -8.44 -17.20
CA LEU A 76 17.00 -8.20 -15.83
C LEU A 76 16.77 -9.50 -15.08
N ARG A 77 16.17 -10.47 -15.75
CA ARG A 77 15.93 -11.77 -15.11
C ARG A 77 17.25 -12.44 -14.71
N ASP A 78 18.25 -12.29 -15.57
CA ASP A 78 19.56 -12.90 -15.32
C ASP A 78 20.28 -12.27 -14.14
N SER A 79 19.95 -11.01 -13.84
CA SER A 79 20.66 -10.27 -12.79
C SER A 79 19.92 -10.23 -11.46
N TYR A 80 18.82 -10.98 -11.36
CA TYR A 80 18.01 -11.00 -10.15
C TYR A 80 18.81 -11.37 -8.90
N PRO A 81 18.52 -10.73 -7.75
CA PRO A 81 17.57 -9.61 -7.55
C PRO A 81 18.16 -8.22 -7.88
N PHE A 82 19.44 -8.00 -7.56
CA PHE A 82 19.95 -6.62 -7.44
C PHE A 82 21.10 -6.33 -8.40
N GLY A 83 21.30 -7.16 -9.40
CA GLY A 83 22.50 -7.04 -10.25
C GLY A 83 22.50 -5.86 -11.23
N PHE A 85 21.81 -2.81 -10.31
CA PHE A 85 21.91 -1.53 -9.62
C PHE A 85 23.28 -0.87 -9.86
N ALA A 86 23.26 0.46 -9.94
CA ALA A 86 24.43 1.26 -10.29
C ALA A 86 24.86 2.16 -9.13
N VAL A 87 24.26 1.92 -7.98
CA VAL A 87 24.66 2.54 -6.73
C VAL A 87 24.78 1.47 -5.63
N PRO A 88 25.48 1.79 -4.55
CA PRO A 88 25.61 0.81 -3.46
C PRO A 88 24.27 0.59 -2.76
N GLN A 89 24.09 -0.59 -2.19
CA GLN A 89 22.80 -0.94 -1.60
C GLN A 89 22.31 0.06 -0.52
N ASP A 90 23.24 0.72 0.17
CA ASP A 90 22.87 1.71 1.17
C ASP A 90 22.27 3.00 0.59
N ARG A 91 22.37 3.17 -0.72
CA ARG A 91 21.73 4.31 -1.36
C ARG A 91 20.41 3.94 -2.02
N ILE A 92 20.04 2.67 -1.97
CA ILE A 92 18.76 2.23 -2.50
C ILE A 92 17.69 2.53 -1.47
N SER A 93 16.79 3.46 -1.79
CA SER A 93 15.76 3.87 -0.83
C SER A 93 14.55 2.95 -0.94
N ARG A 94 14.37 2.36 -2.13
CA ARG A 94 13.11 1.65 -2.46
C ARG A 94 13.36 0.53 -3.45
N ILE A 95 12.74 -0.62 -3.17
CA ILE A 95 12.63 -1.74 -4.10
C ILE A 95 11.21 -1.87 -4.62
N HIS A 96 11.06 -2.08 -5.93
CA HIS A 96 9.79 -2.46 -6.52
C HIS A 96 10.04 -3.59 -7.53
N ALA A 97 8.95 -4.21 -7.99
CA ALA A 97 9.06 -5.28 -9.00
C ALA A 97 8.03 -5.13 -10.09
N SER A 98 8.27 -5.77 -11.25
CA SER A 98 7.22 -5.86 -12.27
C SER A 98 6.13 -6.80 -11.78
N SER A 99 5.03 -6.88 -12.51
CA SER A 99 3.83 -7.54 -12.00
C SER A 99 3.79 -9.04 -12.20
N GLY A 100 4.67 -9.55 -13.06
CA GLY A 100 4.74 -11.00 -13.31
C GLY A 100 3.89 -11.49 -14.46
N THR A 101 3.30 -10.54 -15.19
CA THR A 101 2.44 -10.82 -16.33
C THR A 101 3.02 -11.86 -17.32
N THR A 102 4.31 -11.75 -17.61
CA THR A 102 4.95 -12.62 -18.61
C THR A 102 5.90 -13.66 -18.00
N GLY A 103 6.04 -13.66 -16.68
CA GLY A 103 7.08 -14.50 -16.07
C GLY A 103 7.51 -14.00 -14.72
N LYS A 104 8.66 -14.49 -14.24
CA LYS A 104 9.14 -14.12 -12.92
C LYS A 104 9.34 -12.61 -12.87
N PRO A 105 8.81 -11.94 -11.82
CA PRO A 105 8.95 -10.49 -11.79
C PRO A 105 10.41 -10.10 -11.80
N THR A 106 10.67 -8.95 -12.40
CA THR A 106 11.98 -8.37 -12.32
C THR A 106 11.98 -7.24 -11.29
N VAL A 107 13.14 -7.05 -10.67
CA VAL A 107 13.25 -6.20 -9.48
C VAL A 107 13.93 -4.91 -9.91
N VAL A 108 13.44 -3.81 -9.38
CA VAL A 108 14.02 -2.49 -9.68
C VAL A 108 14.26 -1.76 -8.37
N GLY A 109 15.14 -0.76 -8.42
CA GLY A 109 15.43 0.02 -7.23
C GLY A 109 15.56 1.49 -7.55
N TYR A 110 15.54 2.30 -6.51
CA TYR A 110 15.46 3.76 -6.65
C TYR A 110 16.31 4.36 -5.55
N THR A 111 17.08 5.40 -5.87
CA THR A 111 17.58 6.29 -4.81
C THR A 111 16.50 7.25 -4.35
N ALA A 112 16.78 7.96 -3.25
CA ALA A 112 15.87 9.00 -2.82
C ALA A 112 15.61 10.04 -3.91
N ALA A 113 16.64 10.48 -4.64
CA ALA A 113 16.43 11.35 -5.78
C ALA A 113 15.55 10.77 -6.87
N ASP A 114 15.65 9.45 -7.09
CA ASP A 114 14.83 8.80 -8.11
C ASP A 114 13.37 8.82 -7.63
N ILE A 115 13.15 8.59 -6.35
CA ILE A 115 11.77 8.65 -5.80
C ILE A 115 11.20 10.06 -6.02
N ASP A 116 12.03 11.07 -5.76
CA ASP A 116 11.66 12.48 -5.98
CA ASP A 116 11.65 12.47 -5.98
C ASP A 116 11.30 12.78 -7.44
N THR A 117 12.15 12.34 -8.36
CA THR A 117 11.90 12.48 -9.79
C THR A 117 10.56 11.86 -10.20
N TRP A 118 10.36 10.61 -9.80
CA TRP A 118 9.14 9.87 -10.04
C TRP A 118 7.91 10.60 -9.51
N ALA A 119 8.02 11.13 -8.28
CA ALA A 119 6.92 11.86 -7.69
C ALA A 119 6.60 13.11 -8.50
N ASN A 120 7.63 13.81 -8.96
CA ASN A 120 7.41 14.99 -9.78
C ASN A 120 6.77 14.65 -11.12
N LEU A 121 7.14 13.50 -11.68
CA LEU A 121 6.62 13.13 -12.99
C LEU A 121 5.17 12.68 -12.87
N VAL A 122 4.85 11.97 -11.80
CA VAL A 122 3.45 11.58 -11.60
C VAL A 122 2.58 12.81 -11.30
N ALA A 123 3.13 13.75 -10.53
CA ALA A 123 2.48 15.05 -10.31
C ALA A 123 2.28 15.82 -11.60
N ARG A 124 3.30 15.85 -12.46
CA ARG A 124 3.14 16.41 -13.81
C ARG A 124 1.98 15.78 -14.61
N SER A 125 1.90 14.45 -14.54
CA SER A 125 0.88 13.71 -15.24
C SER A 125 -0.53 14.01 -14.69
N ILE A 126 -0.62 14.15 -13.36
CA ILE A 126 -1.87 14.49 -12.71
C ILE A 126 -2.30 15.92 -13.08
N ARG A 127 -1.34 16.85 -13.16
CA ARG A 127 -1.64 18.19 -13.67
C ARG A 127 -2.16 18.13 -15.10
N ALA A 128 -1.50 17.33 -15.92
CA ALA A 128 -1.86 17.24 -17.34
C ALA A 128 -3.29 16.75 -17.50
N ALA A 129 -3.74 16.00 -16.50
CA ALA A 129 -5.08 15.41 -16.52
C ALA A 129 -6.16 16.42 -16.18
N GLY A 130 -5.74 17.59 -15.69
CA GLY A 130 -6.65 18.68 -15.36
C GLY A 130 -6.92 18.88 -13.88
N ALA A 131 -6.03 18.34 -13.04
CA ALA A 131 -6.14 18.56 -11.59
C ALA A 131 -6.14 20.02 -11.21
N ARG A 132 -6.79 20.30 -10.08
CA ARG A 132 -6.96 21.66 -9.56
C ARG A 132 -6.55 21.62 -8.10
N ARG A 133 -6.06 22.74 -7.59
CA ARG A 133 -5.94 22.93 -6.15
C ARG A 133 -7.23 22.53 -5.45
N GLY A 134 -7.10 21.80 -4.35
CA GLY A 134 -8.25 21.35 -3.55
C GLY A 134 -8.78 19.99 -3.94
N ASP A 135 -8.32 19.45 -5.07
CA ASP A 135 -8.75 18.12 -5.51
C ASP A 135 -8.33 17.02 -4.53
N LYS A 136 -9.21 16.03 -4.35
CA LYS A 136 -8.84 14.78 -3.73
C LYS A 136 -8.61 13.72 -4.79
N VAL A 137 -7.66 12.84 -4.48
CA VAL A 137 -7.33 11.72 -5.36
C VAL A 137 -7.57 10.41 -4.64
N HIS A 138 -8.46 9.61 -5.23
CA HIS A 138 -8.74 8.27 -4.76
C HIS A 138 -7.85 7.31 -5.54
N VAL A 139 -6.88 6.71 -4.86
CA VAL A 139 -5.95 5.78 -5.50
C VAL A 139 -6.45 4.35 -5.32
N SER A 140 -6.74 3.69 -6.43
CA SER A 140 -7.16 2.27 -6.41
C SER A 140 -6.14 1.31 -7.03
N TYR A 141 -5.10 1.85 -7.67
CA TYR A 141 -3.95 1.04 -8.04
CA TYR A 141 -3.91 1.08 -8.04
C TYR A 141 -3.40 0.34 -6.81
N GLY A 142 -2.91 -0.88 -6.99
CA GLY A 142 -2.45 -1.70 -5.87
C GLY A 142 -1.21 -1.16 -5.18
N TYR A 143 -1.24 -1.13 -3.84
CA TYR A 143 -0.06 -0.75 -3.06
C TYR A 143 0.73 -1.99 -2.74
N GLY A 144 2.04 -1.93 -2.95
CA GLY A 144 2.90 -3.05 -2.58
C GLY A 144 4.13 -3.03 -3.47
N LEU A 145 4.63 -4.19 -3.86
CA LEU A 145 5.84 -4.24 -4.72
C LEU A 145 5.57 -3.74 -6.14
N PHE A 146 4.32 -3.83 -6.58
CA PHE A 146 3.86 -3.18 -7.82
C PHE A 146 4.14 -1.70 -7.77
N THR A 147 4.56 -1.14 -8.89
CA THR A 147 4.86 0.29 -8.93
C THR A 147 3.65 1.21 -8.94
N GLY A 148 2.48 0.70 -9.30
CA GLY A 148 1.34 1.57 -9.59
C GLY A 148 0.86 2.37 -8.39
N GLY A 149 0.42 1.68 -7.35
CA GLY A 149 -0.13 2.35 -6.16
C GLY A 149 0.79 3.40 -5.51
N LEU A 150 2.00 2.98 -5.14
CA LEU A 150 2.89 3.88 -4.44
C LEU A 150 3.36 4.98 -5.39
N GLY A 151 3.47 4.66 -6.68
CA GLY A 151 3.80 5.72 -7.63
C GLY A 151 2.72 6.77 -7.77
N ALA A 152 1.46 6.34 -7.83
CA ALA A 152 0.31 7.24 -7.90
C ALA A 152 0.21 8.07 -6.60
N HIS A 153 0.36 7.37 -5.50
CA HIS A 153 0.34 7.96 -4.15
C HIS A 153 1.31 9.13 -4.05
N TYR A 154 2.59 8.85 -4.26
CA TYR A 154 3.60 9.89 -4.09
C TYR A 154 3.38 11.08 -5.03
N GLY A 155 2.92 10.81 -6.25
CA GLY A 155 2.71 11.89 -7.21
C GLY A 155 1.53 12.78 -6.85
N ALA A 156 0.45 12.17 -6.39
CA ALA A 156 -0.71 12.96 -5.92
C ALA A 156 -0.36 13.78 -4.68
N GLU A 157 0.49 13.21 -3.83
CA GLU A 157 0.91 13.88 -2.60
C GLU A 157 1.82 15.05 -2.98
N ARG A 158 2.69 14.81 -3.96
CA ARG A 158 3.64 15.84 -4.42
C ARG A 158 2.90 17.00 -5.09
N ALA A 159 1.83 16.68 -5.79
CA ALA A 159 0.96 17.67 -6.44
C ALA A 159 0.18 18.55 -5.44
N GLY A 160 0.33 18.28 -4.15
CA GLY A 160 -0.34 19.06 -3.10
C GLY A 160 -1.81 18.72 -2.93
N LEU A 161 -2.22 17.55 -3.44
CA LEU A 161 -3.63 17.12 -3.36
C LEU A 161 -3.91 16.25 -2.13
N THR A 162 -5.19 15.96 -1.91
CA THR A 162 -5.61 15.14 -0.78
C THR A 162 -5.63 13.67 -1.21
N VAL A 163 -4.73 12.86 -0.64
CA VAL A 163 -4.55 11.51 -1.11
C VAL A 163 -5.38 10.58 -0.26
N ILE A 164 -6.19 9.78 -0.94
CA ILE A 164 -7.01 8.74 -0.33
C ILE A 164 -6.47 7.38 -0.76
N PRO A 165 -5.60 6.78 0.09
CA PRO A 165 -4.81 5.65 -0.40
C PRO A 165 -5.56 4.32 -0.25
N PHE A 166 -6.58 4.08 -1.05
CA PHE A 166 -7.40 2.90 -0.82
C PHE A 166 -6.70 1.61 -1.26
N GLY A 167 -6.13 1.64 -2.47
CA GLY A 167 -5.54 0.46 -3.09
C GLY A 167 -6.60 -0.45 -3.72
N GLY A 168 -6.25 -1.71 -3.91
CA GLY A 168 -7.09 -2.63 -4.67
C GLY A 168 -8.20 -3.26 -3.87
N GLY A 169 -9.24 -3.69 -4.56
CA GLY A 169 -10.24 -4.59 -3.99
C GLY A 169 -11.29 -3.90 -3.14
N GLN A 170 -12.12 -4.71 -2.48
CA GLN A 170 -13.22 -4.20 -1.67
C GLN A 170 -14.10 -3.20 -2.43
N THR A 171 -14.66 -3.65 -3.54
CA THR A 171 -15.38 -2.75 -4.42
C THR A 171 -16.52 -2.03 -3.73
N GLU A 172 -17.30 -2.73 -2.92
CA GLU A 172 -18.40 -2.10 -2.21
C GLU A 172 -17.93 -0.98 -1.28
N LYS A 173 -16.81 -1.19 -0.59
CA LYS A 173 -16.24 -0.14 0.24
C LYS A 173 -15.70 1.03 -0.57
N GLN A 174 -15.07 0.76 -1.72
CA GLN A 174 -14.54 1.85 -2.54
C GLN A 174 -15.67 2.76 -3.00
N VAL A 175 -16.80 2.15 -3.31
CA VAL A 175 -17.96 2.91 -3.73
C VAL A 175 -18.58 3.70 -2.57
N GLN A 176 -18.57 3.11 -1.37
CA GLN A 176 -19.00 3.84 -0.17
C GLN A 176 -18.16 5.08 0.05
N LEU A 177 -16.84 4.96 -0.12
CA LEU A 177 -15.96 6.09 0.09
C LEU A 177 -15.93 7.10 -1.04
N ILE A 178 -16.20 6.67 -2.27
CA ILE A 178 -16.40 7.64 -3.31
C ILE A 178 -17.61 8.55 -3.03
N GLN A 179 -18.69 7.96 -2.53
CA GLN A 179 -19.84 8.75 -2.10
C GLN A 179 -19.50 9.67 -0.93
N ASP A 180 -18.83 9.12 0.08
CA ASP A 180 -18.71 9.84 1.36
C ASP A 180 -17.60 10.88 1.31
N PHE A 181 -16.45 10.51 0.75
CA PHE A 181 -15.29 11.42 0.71
C PHE A 181 -15.31 12.39 -0.48
N ARG A 182 -16.08 12.05 -1.52
CA ARG A 182 -16.19 12.87 -2.73
C ARG A 182 -14.83 13.21 -3.33
N PRO A 183 -14.09 12.19 -3.74
CA PRO A 183 -12.88 12.43 -4.53
C PRO A 183 -13.17 13.04 -5.89
N ASP A 184 -12.23 13.86 -6.37
CA ASP A 184 -12.35 14.52 -7.68
C ASP A 184 -11.67 13.71 -8.76
N ILE A 185 -10.62 12.98 -8.37
CA ILE A 185 -9.82 12.18 -9.30
C ILE A 185 -9.75 10.73 -8.83
N ILE A 186 -9.89 9.78 -9.75
CA ILE A 186 -9.57 8.39 -9.44
C ILE A 186 -8.43 7.90 -10.33
N VAL A 188 -6.75 4.39 -11.38
CA VAL A 188 -7.20 3.00 -11.30
C VAL A 188 -7.04 2.38 -12.71
N THR A 189 -6.98 1.06 -12.82
CA THR A 189 -6.97 0.43 -14.14
C THR A 189 -8.33 0.66 -14.76
N PRO A 190 -8.38 0.60 -16.09
CA PRO A 190 -9.68 0.82 -16.74
C PRO A 190 -10.59 -0.36 -16.49
N SER A 191 -10.03 -1.57 -16.39
CA SER A 191 -10.88 -2.74 -16.17
C SER A 191 -11.50 -2.74 -14.78
N TYR A 192 -10.75 -2.26 -13.80
CA TYR A 192 -11.30 -2.19 -12.46
C TYR A 192 -12.30 -1.05 -12.31
N LEU A 194 -14.47 -0.41 -14.40
CA LEU A 194 -15.75 -0.96 -14.82
C LEU A 194 -16.47 -1.63 -13.65
N SER A 195 -15.72 -2.31 -12.80
CA SER A 195 -16.33 -2.97 -11.64
C SER A 195 -16.88 -1.93 -10.69
N ILE A 196 -16.17 -0.81 -10.53
CA ILE A 196 -16.60 0.23 -9.59
C ILE A 196 -17.87 0.89 -10.13
N ALA A 197 -17.91 1.07 -11.44
CA ALA A 197 -19.08 1.66 -12.12
C ALA A 197 -20.30 0.73 -11.96
N ASP A 198 -20.07 -0.57 -12.10
CA ASP A 198 -21.14 -1.56 -11.93
C ASP A 198 -21.73 -1.46 -10.53
N GLU A 199 -20.84 -1.47 -9.54
CA GLU A 199 -21.25 -1.39 -8.15
C GLU A 199 -22.06 -0.13 -7.82
N ILE A 200 -21.63 1.01 -8.37
CA ILE A 200 -22.40 2.23 -8.25
C ILE A 200 -23.83 2.07 -8.76
N GLU A 201 -23.96 1.48 -9.95
CA GLU A 201 -25.27 1.25 -10.55
C GLU A 201 -26.06 0.18 -9.81
N ARG A 202 -25.37 -0.84 -9.31
CA ARG A 202 -26.02 -1.93 -8.59
C ARG A 202 -26.79 -1.40 -7.39
N GLN A 203 -26.30 -0.30 -6.84
CA GLN A 203 -26.90 0.30 -5.66
C GLN A 203 -27.99 1.31 -5.99
N GLY A 204 -28.31 1.45 -7.28
CA GLY A 204 -29.39 2.34 -7.71
C GLY A 204 -28.93 3.79 -7.81
N LEU A 205 -27.63 4.01 -7.73
CA LEU A 205 -27.09 5.36 -7.88
C LEU A 205 -26.81 5.66 -9.34
N ASP A 206 -26.80 6.94 -9.68
CA ASP A 206 -26.46 7.37 -11.02
C ASP A 206 -25.00 7.80 -11.11
N PRO A 207 -24.16 7.00 -11.79
CA PRO A 207 -22.71 7.18 -11.77
C PRO A 207 -22.27 8.52 -12.35
N VAL A 208 -23.09 9.10 -13.23
CA VAL A 208 -22.79 10.42 -13.78
C VAL A 208 -22.70 11.48 -12.69
N GLN A 209 -23.48 11.30 -11.63
CA GLN A 209 -23.57 12.29 -10.55
C GLN A 209 -22.51 12.08 -9.46
N SER A 210 -21.65 11.08 -9.65
CA SER A 210 -20.50 10.90 -8.75
C SER A 210 -19.68 12.19 -8.70
N SER A 211 -18.99 12.41 -7.58
CA SER A 211 -18.12 13.57 -7.43
C SER A 211 -16.98 13.57 -8.45
N LEU A 212 -16.61 12.38 -8.91
CA LEU A 212 -15.46 12.25 -9.80
C LEU A 212 -15.59 13.14 -11.03
N ARG A 213 -14.50 13.80 -11.36
CA ARG A 213 -14.42 14.72 -12.49
C ARG A 213 -13.42 14.14 -13.50
N ILE A 214 -12.43 13.41 -12.97
CA ILE A 214 -11.26 12.92 -13.75
C ILE A 214 -10.95 11.48 -13.39
N GLY A 215 -10.78 10.63 -14.41
CA GLY A 215 -10.17 9.33 -14.23
C GLY A 215 -8.83 9.29 -14.94
N ILE A 216 -7.81 8.81 -14.23
CA ILE A 216 -6.50 8.59 -14.82
C ILE A 216 -6.23 7.10 -14.81
N PHE A 217 -6.35 6.49 -15.99
CA PHE A 217 -6.40 5.03 -16.12
C PHE A 217 -5.13 4.56 -16.83
N GLY A 218 -4.57 3.44 -16.35
CA GLY A 218 -3.36 2.91 -16.96
C GLY A 218 -3.14 1.48 -16.52
N ALA A 219 -1.90 1.01 -16.71
CA ALA A 219 -1.49 -0.34 -16.33
C ALA A 219 -1.85 -1.44 -17.33
N GLU A 220 -2.71 -1.10 -18.29
CA GLU A 220 -3.14 -2.07 -19.29
C GLU A 220 -3.82 -1.34 -20.43
N PRO A 221 -3.91 -1.99 -21.60
CA PRO A 221 -4.49 -1.32 -22.75
C PRO A 221 -5.98 -1.03 -22.61
N TRP A 222 -6.42 0.08 -23.20
CA TRP A 222 -7.84 0.38 -23.30
C TRP A 222 -8.06 1.31 -24.47
N THR A 223 -9.12 1.05 -25.24
CA THR A 223 -9.33 1.77 -26.50
C THR A 223 -9.97 3.14 -26.28
N ASN A 224 -9.81 4.02 -27.27
CA ASN A 224 -10.66 5.21 -27.38
C ASN A 224 -12.17 4.95 -27.22
N ASP A 225 -12.66 3.85 -27.78
CA ASP A 225 -14.05 3.45 -27.61
C ASP A 225 -14.36 3.26 -26.12
N ARG A 227 -12.72 4.59 -23.67
CA ARG A 227 -12.62 5.89 -23.01
C ARG A 227 -13.94 6.63 -23.12
N VAL A 228 -14.49 6.70 -24.32
CA VAL A 228 -15.75 7.41 -24.52
C VAL A 228 -16.91 6.77 -23.74
N ALA A 229 -16.93 5.44 -23.69
CA ALA A 229 -17.94 4.74 -22.90
C ALA A 229 -17.85 5.08 -21.42
N ILE A 230 -16.63 4.98 -20.87
CA ILE A 230 -16.42 5.29 -19.47
C ILE A 230 -16.72 6.75 -19.16
N GLU A 231 -16.27 7.66 -20.02
CA GLU A 231 -16.56 9.07 -19.83
C GLU A 231 -18.08 9.34 -19.77
N GLN A 232 -18.85 8.70 -20.65
CA GLN A 232 -20.29 8.95 -20.71
C GLN A 232 -20.96 8.34 -19.49
N ARG A 233 -20.44 7.20 -19.04
CA ARG A 233 -21.07 6.48 -17.96
C ARG A 233 -20.79 7.13 -16.60
N GLY A 235 -19.50 10.30 -16.14
CA GLY A 235 -19.48 11.76 -16.20
C GLY A 235 -18.13 12.34 -15.82
N ILE A 236 -17.09 11.84 -16.49
CA ILE A 236 -15.72 12.32 -16.25
C ILE A 236 -14.99 12.62 -17.55
N ASP A 237 -13.85 13.29 -17.46
CA ASP A 237 -12.79 13.13 -18.45
C ASP A 237 -11.91 11.96 -18.05
N ALA A 238 -11.56 11.11 -19.01
CA ALA A 238 -10.66 10.01 -18.73
C ALA A 238 -9.41 10.17 -19.59
N VAL A 239 -8.25 10.06 -18.94
CA VAL A 239 -6.97 10.18 -19.64
C VAL A 239 -6.07 8.99 -19.33
N ASP A 240 -5.10 8.76 -20.21
CA ASP A 240 -4.31 7.52 -20.23
C ASP A 240 -2.95 7.80 -19.63
N ILE A 241 -2.57 7.04 -18.60
CA ILE A 241 -1.23 7.17 -18.01
C ILE A 241 -0.45 5.89 -18.22
N TYR A 242 0.78 6.02 -18.69
CA TYR A 242 1.58 4.86 -19.06
C TYR A 242 2.85 4.77 -18.23
N GLY A 243 3.26 3.54 -17.95
CA GLY A 243 4.56 3.31 -17.33
C GLY A 243 4.96 1.86 -17.42
N LEU A 244 6.21 1.56 -17.08
CA LEU A 244 6.57 0.20 -16.68
C LEU A 244 7.68 0.29 -15.66
N SER A 245 7.78 -0.75 -14.84
CA SER A 245 8.63 -0.78 -13.66
C SER A 245 10.10 -0.66 -14.02
N GLU A 246 10.50 -1.21 -15.17
CA GLU A 246 11.92 -1.22 -15.55
C GLU A 246 12.37 0.22 -15.74
N VAL A 247 11.47 1.02 -16.29
CA VAL A 247 11.82 2.39 -16.67
C VAL A 247 11.63 3.32 -15.47
N GLY A 249 7.95 3.40 -13.56
CA GLY A 249 6.64 3.07 -13.03
C GLY A 249 5.64 3.93 -13.76
N PRO A 250 4.40 4.05 -13.23
CA PRO A 250 3.48 5.01 -13.87
C PRO A 250 4.12 6.40 -13.97
N GLY A 251 3.75 7.14 -15.01
CA GLY A 251 4.24 8.52 -15.18
C GLY A 251 5.44 8.65 -16.10
N VAL A 252 5.72 7.62 -16.89
CA VAL A 252 6.63 7.74 -18.05
C VAL A 252 6.01 8.61 -19.16
N ALA A 253 4.69 8.55 -19.30
CA ALA A 253 3.96 9.34 -20.27
C ALA A 253 2.56 9.49 -19.73
N SER A 254 1.91 10.58 -20.09
CA SER A 254 0.51 10.75 -19.69
C SER A 254 -0.20 11.69 -20.64
N GLU A 255 -1.49 11.47 -20.80
CA GLU A 255 -2.29 12.22 -21.76
C GLU A 255 -2.64 13.59 -21.23
N CYS A 256 -2.52 14.60 -22.09
CA CYS A 256 -3.09 15.90 -21.79
C CYS A 256 -4.59 15.95 -22.05
N VAL A 257 -5.34 16.35 -21.03
CA VAL A 257 -6.78 16.25 -21.04
C VAL A 257 -7.39 17.16 -22.10
N GLU A 258 -6.67 18.20 -22.48
CA GLU A 258 -7.16 19.15 -23.49
C GLU A 258 -7.07 18.62 -24.93
N THR A 259 -6.33 17.52 -25.12
CA THR A 259 -6.21 16.91 -26.45
C THR A 259 -6.62 15.44 -26.54
N LYS A 260 -6.44 14.69 -25.44
CA LYS A 260 -6.75 13.26 -25.42
C LYS A 260 -6.32 12.55 -26.70
N ASP A 261 -5.05 12.74 -27.05
CA ASP A 261 -4.53 12.21 -28.30
C ASP A 261 -3.33 11.30 -28.06
N GLY A 262 -3.44 10.47 -27.02
CA GLY A 262 -2.36 9.56 -26.63
C GLY A 262 -1.40 10.18 -25.63
N PRO A 263 -0.80 9.33 -24.78
CA PRO A 263 0.06 9.87 -23.72
C PRO A 263 1.19 10.70 -24.30
N THR A 264 1.37 11.91 -23.78
CA THR A 264 2.58 12.69 -24.00
C THR A 264 3.73 12.09 -23.20
N ILE A 265 4.81 11.75 -23.90
CA ILE A 265 5.99 11.15 -23.29
C ILE A 265 6.84 12.18 -22.57
N TRP A 266 7.20 11.92 -21.32
CA TRP A 266 8.03 12.86 -20.59
C TRP A 266 9.49 12.66 -20.98
N GLU A 267 9.77 12.99 -22.24
CA GLU A 267 11.04 12.66 -22.84
C GLU A 267 12.21 13.55 -22.40
N ASP A 268 11.96 14.48 -21.47
CA ASP A 268 13.04 15.13 -20.73
C ASP A 268 13.65 14.19 -19.67
N HIS A 269 12.97 13.06 -19.45
CA HIS A 269 13.42 12.03 -18.52
C HIS A 269 13.57 10.63 -19.12
N PHE A 270 12.78 10.33 -20.15
CA PHE A 270 12.76 9.00 -20.73
C PHE A 270 12.72 9.11 -22.24
N TYR A 271 13.83 8.76 -22.87
CA TYR A 271 13.98 9.01 -24.30
C TYR A 271 13.47 7.83 -25.14
N PRO A 272 12.45 8.08 -25.98
CA PRO A 272 11.75 7.01 -26.66
C PRO A 272 12.33 6.76 -28.05
N GLU A 273 12.33 5.49 -28.44
CA GLU A 273 12.51 5.13 -29.84
C GLU A 273 11.44 4.13 -30.25
N ILE A 274 11.24 3.97 -31.55
CA ILE A 274 10.44 2.86 -32.03
C ILE A 274 11.25 2.01 -32.99
N ILE A 275 11.24 0.70 -32.77
CA ILE A 275 12.00 -0.20 -33.64
C ILE A 275 11.12 -1.24 -34.34
N ASP A 276 11.60 -1.74 -35.47
CA ASP A 276 11.12 -3.00 -35.98
C ASP A 276 11.54 -4.15 -35.06
N PRO A 277 10.57 -4.83 -34.45
CA PRO A 277 10.89 -5.85 -33.46
C PRO A 277 11.70 -7.00 -34.05
N GLU A 278 11.55 -7.22 -35.35
CA GLU A 278 12.19 -8.35 -36.00
C GLU A 278 13.66 -8.08 -36.32
N THR A 279 14.00 -6.82 -36.59
CA THR A 279 15.33 -6.48 -37.05
C THR A 279 16.10 -5.61 -36.06
N GLY A 280 15.36 -4.89 -35.22
CA GLY A 280 15.99 -3.97 -34.28
C GLY A 280 16.35 -2.64 -34.90
N GLU A 281 15.95 -2.42 -36.16
CA GLU A 281 16.19 -1.13 -36.82
C GLU A 281 15.20 -0.08 -36.33
N VAL A 282 15.66 1.16 -36.24
CA VAL A 282 14.85 2.28 -35.79
C VAL A 282 13.92 2.76 -36.89
N LEU A 283 12.65 2.97 -36.55
CA LEU A 283 11.64 3.40 -37.52
C LEU A 283 11.40 4.91 -37.43
N PRO A 284 11.04 5.53 -38.57
CA PRO A 284 10.70 6.97 -38.53
C PRO A 284 9.38 7.21 -37.78
N ASP A 285 9.30 8.34 -37.10
CA ASP A 285 8.13 8.69 -36.32
C ASP A 285 6.84 8.57 -37.13
N GLY A 286 5.83 7.94 -36.54
CA GLY A 286 4.60 7.66 -37.28
C GLY A 286 4.38 6.19 -37.56
N GLU A 287 5.46 5.41 -37.60
CA GLU A 287 5.34 3.98 -37.91
C GLU A 287 5.17 3.16 -36.64
N LEU A 288 4.32 2.15 -36.73
CA LEU A 288 4.09 1.23 -35.63
C LEU A 288 5.26 0.27 -35.45
N GLY A 289 5.69 0.10 -34.20
CA GLY A 289 6.59 -1.00 -33.84
C GLY A 289 6.80 -1.05 -32.34
N GLU A 290 7.92 -1.60 -31.92
CA GLU A 290 8.21 -1.76 -30.50
C GLU A 290 8.80 -0.50 -29.87
N LEU A 291 8.23 -0.12 -28.73
CA LEU A 291 8.69 1.02 -27.93
C LEU A 291 9.91 0.68 -27.08
N VAL A 292 10.94 1.52 -27.22
CA VAL A 292 12.23 1.36 -26.55
C VAL A 292 12.50 2.66 -25.75
N PHE A 293 12.93 2.51 -24.48
CA PHE A 293 13.26 3.69 -23.67
C PHE A 293 14.68 3.67 -23.16
N THR A 294 15.23 4.86 -23.00
CA THR A 294 16.48 5.06 -22.30
C THR A 294 16.25 6.11 -21.22
N SER A 295 16.64 5.82 -19.99
CA SER A 295 16.51 6.78 -18.90
C SER A 295 17.57 7.86 -18.99
N LEU A 296 17.19 9.09 -18.63
CA LEU A 296 18.08 10.24 -18.78
C LEU A 296 18.52 10.80 -17.42
N THR A 297 17.78 10.43 -16.37
CA THR A 297 17.98 11.01 -15.04
C THR A 297 17.98 9.98 -13.89
N LYS A 298 17.89 8.68 -14.22
CA LYS A 298 17.81 7.63 -13.21
C LYS A 298 19.17 7.29 -12.65
N GLU A 299 19.26 7.28 -11.31
CA GLU A 299 20.49 6.90 -10.59
C GLU A 299 20.68 5.41 -10.31
N ALA A 300 19.74 4.85 -9.56
CA ALA A 300 19.93 3.51 -9.02
C ALA A 300 19.97 2.47 -10.15
N LEU A 301 19.13 2.65 -11.16
CA LEU A 301 18.94 1.63 -12.18
C LEU A 301 18.83 2.30 -13.54
N PRO A 302 19.93 2.93 -13.99
CA PRO A 302 19.90 3.45 -15.35
C PRO A 302 19.58 2.32 -16.33
N ILE A 303 18.74 2.63 -17.30
CA ILE A 303 18.31 1.60 -18.24
C ILE A 303 18.43 2.08 -19.67
N ILE A 304 19.22 1.36 -20.45
CA ILE A 304 19.65 1.87 -21.75
C ILE A 304 19.02 1.07 -22.89
N ARG A 305 18.25 1.76 -23.73
CA ARG A 305 17.53 1.15 -24.86
C ARG A 305 16.78 -0.11 -24.47
N TYR A 306 15.92 0.02 -23.45
CA TYR A 306 15.10 -1.10 -22.99
C TYR A 306 13.99 -1.43 -23.95
N ARG A 307 13.97 -2.67 -24.42
CA ARG A 307 12.92 -3.09 -25.33
C ARG A 307 11.70 -3.43 -24.49
N THR A 308 10.65 -2.60 -24.56
CA THR A 308 9.49 -2.73 -23.68
C THR A 308 8.58 -3.91 -24.04
N ARG A 309 8.62 -4.33 -25.30
CA ARG A 309 7.63 -5.26 -25.86
C ARG A 309 6.23 -4.69 -25.93
N ASP A 310 6.10 -3.38 -25.75
CA ASP A 310 4.84 -2.68 -25.97
C ASP A 310 4.84 -2.11 -27.39
N LEU A 311 3.71 -2.22 -28.08
CA LEU A 311 3.63 -1.82 -29.47
C LEU A 311 2.82 -0.54 -29.64
N THR A 312 3.41 0.45 -30.31
CA THR A 312 2.79 1.75 -30.50
C THR A 312 3.62 2.53 -31.51
N ARG A 313 3.31 3.81 -31.67
CA ARG A 313 4.01 4.66 -32.62
C ARG A 313 4.18 6.04 -32.03
N LEU A 314 5.22 6.73 -32.46
CA LEU A 314 5.53 8.06 -31.97
C LEU A 314 4.88 9.12 -32.85
N LEU A 315 4.38 10.17 -32.21
CA LEU A 315 3.59 11.20 -32.89
C LEU A 315 4.05 12.57 -32.41
N PRO A 316 3.85 13.61 -33.24
CA PRO A 316 4.37 14.95 -32.91
C PRO A 316 3.71 15.54 -31.66
N GLY A 317 4.44 16.37 -30.93
CA GLY A 317 3.86 17.05 -29.78
C GLY A 317 2.69 17.91 -30.20
N THR A 318 1.64 17.90 -29.41
CA THR A 318 0.52 18.83 -29.61
C THR A 318 0.37 19.75 -28.40
N ALA A 319 -0.13 19.18 -27.30
CA ALA A 319 -0.41 19.96 -26.09
C ALA A 319 0.87 20.25 -25.30
N ARG A 320 1.93 19.51 -25.61
CA ARG A 320 3.26 19.84 -25.12
C ARG A 320 4.27 19.82 -26.28
N THR A 321 5.46 20.37 -26.03
CA THR A 321 6.59 20.21 -26.93
C THR A 321 6.93 18.72 -27.15
N ARG A 323 6.86 14.72 -27.63
CA ARG A 323 6.13 13.86 -28.53
C ARG A 323 5.15 12.99 -27.74
N ARG A 324 4.20 12.38 -28.43
CA ARG A 324 3.24 11.47 -27.82
C ARG A 324 3.58 10.05 -28.25
N GLU A 326 1.00 6.83 -29.43
CA GLU A 326 -0.35 6.34 -29.60
C GLU A 326 -0.72 5.46 -28.40
N LYS A 327 -1.99 5.42 -28.05
CA LYS A 327 -2.46 4.38 -27.15
C LYS A 327 -1.84 3.03 -27.53
N ILE A 328 -1.33 2.32 -26.54
CA ILE A 328 -0.72 0.99 -26.75
C ILE A 328 -1.69 0.03 -27.48
N THR A 329 -1.23 -0.50 -28.61
CA THR A 329 -1.97 -1.57 -29.27
C THR A 329 -2.03 -2.86 -28.44
N GLY A 330 -0.89 -3.26 -27.88
CA GLY A 330 -0.85 -4.43 -27.00
C GLY A 330 0.60 -4.70 -26.70
N ARG A 331 0.85 -5.68 -25.83
CA ARG A 331 2.20 -6.24 -25.70
C ARG A 331 2.39 -7.09 -26.94
N SER A 332 3.64 -7.32 -27.31
CA SER A 332 3.86 -8.31 -28.37
C SER A 332 3.35 -9.66 -27.88
N ASP A 333 3.35 -9.85 -26.55
CA ASP A 333 2.89 -11.08 -25.93
C ASP A 333 1.39 -11.24 -26.03
N ASP A 334 0.70 -10.12 -26.30
CA ASP A 334 -0.76 -10.12 -26.33
C ASP A 334 -1.28 -10.64 -27.67
N ILE A 337 -2.53 -15.49 -32.75
CA ILE A 337 -2.58 -15.94 -34.13
C ILE A 337 -3.69 -16.95 -34.23
N VAL A 338 -4.76 -16.52 -34.91
CA VAL A 338 -5.98 -17.31 -34.95
C VAL A 338 -6.28 -17.65 -36.41
N ARG A 339 -6.17 -18.94 -36.72
CA ARG A 339 -6.39 -19.44 -38.06
C ARG A 339 -5.70 -18.54 -39.08
N GLY A 340 -4.44 -18.21 -38.79
CA GLY A 340 -3.61 -17.46 -39.72
C GLY A 340 -3.69 -15.94 -39.64
N VAL A 341 -4.57 -15.41 -38.79
CA VAL A 341 -4.70 -13.96 -38.68
C VAL A 341 -4.18 -13.48 -37.34
N ASN A 342 -3.34 -12.45 -37.37
CA ASN A 342 -2.83 -11.82 -36.15
C ASN A 342 -3.83 -10.83 -35.58
N VAL A 343 -4.19 -11.01 -34.32
CA VAL A 343 -5.23 -10.18 -33.71
C VAL A 343 -4.87 -9.87 -32.26
N PHE A 344 -5.01 -8.60 -31.90
CA PHE A 344 -4.85 -8.17 -30.52
C PHE A 344 -6.18 -8.10 -29.78
N PRO A 345 -6.13 -8.20 -28.44
CA PRO A 345 -7.37 -8.01 -27.67
C PRO A 345 -8.02 -6.63 -27.84
N THR A 346 -7.23 -5.57 -28.02
CA THR A 346 -7.81 -4.25 -28.22
C THR A 346 -8.68 -4.19 -29.49
N GLN A 347 -8.31 -4.95 -30.51
CA GLN A 347 -9.09 -4.93 -31.74
C GLN A 347 -10.48 -5.48 -31.48
N ILE A 348 -10.52 -6.55 -30.70
CA ILE A 348 -11.79 -7.16 -30.31
C ILE A 348 -12.59 -6.20 -29.44
N GLU A 349 -11.91 -5.60 -28.47
CA GLU A 349 -12.53 -4.63 -27.57
C GLU A 349 -13.22 -3.48 -28.32
N GLU A 350 -12.58 -2.95 -29.36
CA GLU A 350 -13.14 -1.85 -30.14
C GLU A 350 -14.51 -2.24 -30.72
N GLN A 351 -14.63 -3.48 -31.20
CA GLN A 351 -15.89 -3.97 -31.76
C GLN A 351 -16.94 -4.25 -30.70
N LEU A 352 -16.51 -4.85 -29.59
CA LEU A 352 -17.43 -5.09 -28.47
C LEU A 352 -18.07 -3.81 -27.97
N LEU A 353 -17.26 -2.75 -27.88
CA LEU A 353 -17.76 -1.52 -27.30
C LEU A 353 -18.72 -0.74 -28.22
N LYS A 354 -18.90 -1.20 -29.44
CA LYS A 354 -19.95 -0.68 -30.32
C LYS A 354 -21.34 -1.15 -29.90
N GLN A 355 -21.40 -2.26 -29.18
CA GLN A 355 -22.69 -2.84 -28.80
C GLN A 355 -23.17 -2.27 -27.48
N ARG A 356 -24.17 -1.38 -27.54
CA ARG A 356 -24.70 -0.75 -26.34
C ARG A 356 -25.50 -1.72 -25.45
N ALA A 357 -25.95 -2.82 -26.04
CA ALA A 357 -26.74 -3.81 -25.29
C ALA A 357 -25.85 -4.77 -24.49
N LEU A 358 -24.55 -4.77 -24.76
CA LEU A 358 -23.61 -5.68 -24.07
C LEU A 358 -22.77 -4.93 -23.05
N ALA A 359 -22.30 -5.62 -22.02
CA ALA A 359 -21.39 -5.01 -21.03
C ALA A 359 -20.02 -4.80 -21.67
N PRO A 360 -19.19 -3.94 -21.06
CA PRO A 360 -17.83 -3.75 -21.56
C PRO A 360 -16.85 -4.84 -21.06
N HIS A 361 -17.35 -5.83 -20.33
CA HIS A 361 -16.55 -6.94 -19.84
C HIS A 361 -16.43 -8.00 -20.93
N TYR A 362 -15.27 -8.63 -21.05
CA TYR A 362 -15.15 -9.76 -21.99
C TYR A 362 -13.99 -10.66 -21.56
N GLN A 363 -14.01 -11.89 -22.06
CA GLN A 363 -12.81 -12.70 -22.08
C GLN A 363 -12.76 -13.54 -23.34
N ILE A 364 -11.58 -13.60 -23.93
CA ILE A 364 -11.38 -14.41 -25.14
C ILE A 364 -10.74 -15.75 -24.75
N VAL A 365 -11.35 -16.84 -25.23
CA VAL A 365 -10.86 -18.18 -24.95
C VAL A 365 -10.50 -18.87 -26.26
N LEU A 366 -9.23 -19.27 -26.38
CA LEU A 366 -8.74 -19.91 -27.60
C LEU A 366 -8.68 -21.43 -27.44
N THR A 367 -9.29 -22.16 -28.37
CA THR A 367 -9.24 -23.61 -28.35
C THR A 367 -8.94 -24.17 -29.73
N LYS A 368 -8.80 -25.48 -29.80
CA LYS A 368 -8.72 -26.19 -31.06
C LYS A 368 -9.90 -27.16 -31.17
N GLU A 369 -10.51 -27.20 -32.34
CA GLU A 369 -11.51 -28.21 -32.65
C GLU A 369 -11.10 -28.95 -33.92
N GLY A 370 -10.69 -30.21 -33.76
CA GLY A 370 -9.74 -30.82 -34.69
C GLY A 370 -8.54 -29.93 -34.92
N PRO A 371 -8.18 -29.70 -36.20
CA PRO A 371 -7.00 -28.93 -36.55
C PRO A 371 -7.23 -27.42 -36.60
N LEU A 372 -8.47 -26.98 -36.50
CA LEU A 372 -8.80 -25.55 -36.65
C LEU A 372 -8.79 -24.79 -35.31
N ASP A 373 -8.21 -23.59 -35.32
CA ASP A 373 -8.35 -22.65 -34.21
C ASP A 373 -9.80 -22.25 -34.03
N VAL A 374 -10.20 -22.08 -32.77
CA VAL A 374 -11.51 -21.51 -32.43
C VAL A 374 -11.34 -20.36 -31.44
N LEU A 375 -11.88 -19.20 -31.80
CA LEU A 375 -11.90 -18.09 -30.85
C LEU A 375 -13.30 -17.92 -30.31
N THR A 376 -13.44 -18.08 -29.00
CA THR A 376 -14.70 -17.85 -28.33
C THR A 376 -14.64 -16.56 -27.53
N LEU A 377 -15.57 -15.65 -27.82
CA LEU A 377 -15.62 -14.38 -27.10
C LEU A 377 -16.77 -14.44 -26.12
N ASN A 378 -16.43 -14.42 -24.84
CA ASN A 378 -17.44 -14.48 -23.79
C ASN A 378 -17.80 -13.07 -23.36
N VAL A 379 -19.10 -12.76 -23.47
CA VAL A 379 -19.62 -11.43 -23.17
C VAL A 379 -20.83 -11.57 -22.25
N GLU A 380 -21.30 -10.44 -21.72
CA GLU A 380 -22.52 -10.39 -20.87
C GLU A 380 -23.44 -9.30 -21.41
N PRO A 381 -24.75 -9.43 -21.14
CA PRO A 381 -25.63 -8.29 -21.36
C PRO A 381 -25.40 -7.23 -20.29
N CYS A 382 -25.76 -5.98 -20.57
CA CYS A 382 -25.99 -5.01 -19.51
C CYS A 382 -27.09 -5.52 -18.60
N PRO A 383 -27.05 -5.15 -17.31
CA PRO A 383 -28.06 -5.74 -16.45
C PRO A 383 -29.47 -5.33 -16.87
N GLU A 384 -29.61 -4.14 -17.44
CA GLU A 384 -30.92 -3.66 -17.89
C GLU A 384 -31.40 -4.45 -19.11
N THR A 385 -30.47 -4.85 -19.97
CA THR A 385 -30.84 -5.47 -21.24
C THR A 385 -30.95 -6.99 -21.17
N ALA A 386 -30.54 -7.59 -20.05
CA ALA A 386 -30.50 -9.04 -19.93
C ALA A 386 -31.80 -9.72 -20.39
N PRO A 387 -32.96 -9.16 -20.01
CA PRO A 387 -34.18 -9.87 -20.39
C PRO A 387 -34.57 -9.61 -21.85
N ASP A 388 -33.88 -8.65 -22.48
CA ASP A 388 -34.30 -8.20 -23.80
C ASP A 388 -33.62 -9.04 -24.87
N THR A 389 -34.15 -10.24 -25.13
CA THR A 389 -33.55 -11.18 -26.05
C THR A 389 -33.30 -10.60 -27.44
N ALA A 390 -34.23 -9.76 -27.91
CA ALA A 390 -34.12 -9.20 -29.25
C ALA A 390 -32.89 -8.31 -29.33
N ALA A 391 -32.68 -7.50 -28.30
CA ALA A 391 -31.50 -6.63 -28.28
C ALA A 391 -30.21 -7.41 -28.20
N ILE A 392 -30.21 -8.46 -27.38
CA ILE A 392 -28.99 -9.25 -27.20
C ILE A 392 -28.67 -10.00 -28.50
N GLN A 393 -29.70 -10.55 -29.13
CA GLN A 393 -29.51 -11.30 -30.37
C GLN A 393 -28.89 -10.44 -31.47
N VAL A 394 -29.37 -9.22 -31.61
CA VAL A 394 -28.84 -8.29 -32.62
C VAL A 394 -27.38 -7.99 -32.28
N ALA A 395 -27.13 -7.72 -31.00
CA ALA A 395 -25.76 -7.46 -30.56
C ALA A 395 -24.79 -8.58 -30.89
N LYS A 396 -25.19 -9.82 -30.59
CA LYS A 396 -24.33 -10.97 -30.80
C LYS A 396 -24.03 -11.11 -32.29
N GLN A 397 -25.02 -10.86 -33.15
CA GLN A 397 -24.84 -11.07 -34.57
C GLN A 397 -24.00 -9.95 -35.17
N ALA A 398 -24.28 -8.73 -34.74
CA ALA A 398 -23.59 -7.55 -35.28
C ALA A 398 -22.13 -7.61 -34.84
N LEU A 399 -21.90 -7.98 -33.59
CA LEU A 399 -20.52 -8.16 -33.10
C LEU A 399 -19.73 -9.21 -33.88
N ALA A 400 -20.34 -10.36 -34.12
CA ALA A 400 -19.71 -11.37 -34.96
C ALA A 400 -19.40 -10.86 -36.37
N TYR A 401 -20.31 -10.08 -36.94
CA TYR A 401 -20.13 -9.57 -38.28
C TYR A 401 -19.03 -8.51 -38.32
N ASP A 402 -18.97 -7.69 -37.27
CA ASP A 402 -17.89 -6.68 -37.20
C ASP A 402 -16.51 -7.32 -37.05
N ILE A 403 -16.42 -8.37 -36.24
CA ILE A 403 -15.13 -9.00 -36.03
C ILE A 403 -14.68 -9.69 -37.33
N LYS A 404 -15.61 -10.40 -37.99
CA LYS A 404 -15.28 -11.04 -39.27
C LYS A 404 -14.87 -10.01 -40.35
N SER A 405 -15.69 -8.99 -40.54
CA SER A 405 -15.49 -8.09 -41.65
C SER A 405 -14.30 -7.16 -41.41
N LEU A 406 -14.07 -6.77 -40.16
CA LEU A 406 -13.04 -5.75 -39.92
C LEU A 406 -11.72 -6.34 -39.45
N ILE A 407 -11.78 -7.50 -38.80
CA ILE A 407 -10.59 -8.12 -38.23
C ILE A 407 -10.16 -9.36 -39.01
N GLY A 408 -11.13 -10.08 -39.56
CA GLY A 408 -10.87 -11.27 -40.35
C GLY A 408 -10.98 -12.55 -39.53
N VAL A 409 -11.53 -12.46 -38.34
CA VAL A 409 -11.69 -13.65 -37.51
C VAL A 409 -13.15 -14.01 -37.28
N THR A 410 -13.41 -15.31 -37.35
CA THR A 410 -14.71 -15.85 -37.00
C THR A 410 -14.75 -16.14 -35.50
N ALA A 411 -15.58 -15.39 -34.80
CA ALA A 411 -15.64 -15.46 -33.36
C ALA A 411 -16.95 -16.09 -32.97
N VAL A 412 -16.87 -17.14 -32.16
CA VAL A 412 -18.06 -17.68 -31.50
C VAL A 412 -18.40 -16.77 -30.33
N ILE A 413 -19.53 -16.05 -30.44
CA ILE A 413 -19.93 -15.15 -29.38
C ILE A 413 -20.76 -15.94 -28.38
N ASN A 414 -20.38 -15.86 -27.12
CA ASN A 414 -21.05 -16.63 -26.11
C ASN A 414 -21.54 -15.70 -25.00
N VAL A 415 -22.85 -15.46 -24.95
CA VAL A 415 -23.42 -14.51 -24.00
C VAL A 415 -23.69 -15.19 -22.67
N LEU A 416 -22.94 -14.80 -21.64
CA LEU A 416 -23.09 -15.39 -20.31
C LEU A 416 -24.12 -14.61 -19.49
N PRO A 417 -24.62 -15.21 -18.40
CA PRO A 417 -25.41 -14.42 -17.46
C PRO A 417 -24.62 -13.23 -16.91
N VAL A 418 -25.34 -12.15 -16.57
CA VAL A 418 -24.75 -11.05 -15.81
C VAL A 418 -23.87 -11.58 -14.68
N ASN A 419 -22.66 -11.02 -14.57
CA ASN A 419 -21.65 -11.48 -13.62
C ASN A 419 -21.00 -12.82 -13.95
N GLY A 420 -21.23 -13.30 -15.16
CA GLY A 420 -20.63 -14.56 -15.62
C GLY A 420 -19.13 -14.51 -15.81
N ILE A 421 -18.60 -13.35 -16.18
CA ILE A 421 -17.17 -13.19 -16.44
C ILE A 421 -16.48 -12.73 -15.17
N GLU A 422 -15.38 -13.39 -14.80
CA GLU A 422 -14.61 -12.97 -13.64
C GLU A 422 -14.13 -11.52 -13.80
N ARG A 423 -14.40 -10.70 -12.80
CA ARG A 423 -14.09 -9.28 -12.83
C ARG A 423 -12.59 -9.09 -12.61
N SER A 424 -12.04 -8.01 -13.17
CA SER A 424 -10.62 -7.72 -12.99
C SER A 424 -10.36 -7.33 -11.54
N VAL A 425 -9.19 -7.73 -11.03
CA VAL A 425 -8.69 -7.23 -9.75
C VAL A 425 -7.59 -6.19 -9.95
N GLY A 426 -7.36 -5.79 -11.19
CA GLY A 426 -6.20 -4.95 -11.52
C GLY A 426 -5.92 -4.95 -13.02
N LYS A 427 -4.88 -5.68 -13.43
CA LYS A 427 -4.63 -5.90 -14.86
C LYS A 427 -5.50 -7.06 -15.32
N ALA A 428 -6.54 -6.76 -16.10
CA ALA A 428 -7.44 -7.79 -16.60
C ALA A 428 -6.67 -8.82 -17.42
N ARG A 429 -7.01 -10.08 -17.24
CA ARG A 429 -6.57 -11.13 -18.16
C ARG A 429 -7.53 -11.26 -19.35
N ARG A 430 -7.15 -10.68 -20.48
CA ARG A 430 -8.03 -10.59 -21.65
C ARG A 430 -8.23 -11.95 -22.34
N VAL A 431 -7.30 -12.87 -22.12
CA VAL A 431 -7.16 -14.05 -23.00
C VAL A 431 -6.76 -15.31 -22.23
N VAL A 432 -7.50 -16.39 -22.44
CA VAL A 432 -7.14 -17.72 -21.96
C VAL A 432 -6.90 -18.64 -23.16
N ASP A 433 -5.63 -18.92 -23.45
CA ASP A 433 -5.26 -19.76 -24.58
C ASP A 433 -5.11 -21.21 -24.13
N LYS A 434 -6.13 -22.01 -24.42
CA LYS A 434 -6.17 -23.41 -24.00
C LYS A 434 -5.61 -24.37 -25.05
N ARG A 435 -4.94 -23.86 -26.07
CA ARG A 435 -4.58 -24.68 -27.22
C ARG A 435 -3.43 -25.65 -26.92
N LYS A 436 -2.42 -25.18 -26.20
CA LYS A 436 -1.38 -26.07 -25.66
C LYS A 436 -0.71 -26.87 -26.78
N PRO B 9 25.76 3.15 15.46
CA PRO B 9 24.33 3.34 15.64
C PRO B 9 23.81 4.54 14.86
N LEU B 10 22.58 4.46 14.37
CA LEU B 10 21.92 5.63 13.84
C LEU B 10 21.68 6.63 14.96
N PRO B 11 21.81 7.93 14.65
CA PRO B 11 21.95 8.91 15.72
C PRO B 11 20.65 9.13 16.48
N LEU B 12 20.75 9.31 17.79
CA LEU B 12 19.68 9.91 18.59
C LEU B 12 19.38 11.34 18.16
N GLU B 13 18.12 11.75 18.26
CA GLU B 13 17.83 13.19 18.30
C GLU B 13 18.19 13.72 19.69
N PRO B 14 18.68 14.96 19.77
CA PRO B 14 19.03 15.46 21.09
C PRO B 14 17.88 15.41 22.10
N ILE B 15 16.65 15.71 21.66
CA ILE B 15 15.54 15.74 22.58
C ILE B 15 15.35 14.38 23.27
N GLU B 16 15.77 13.31 22.62
CA GLU B 16 15.52 11.97 23.18
C GLU B 16 16.18 11.76 24.54
N THR B 17 17.28 12.47 24.81
CA THR B 17 17.91 12.36 26.12
C THR B 17 18.23 13.70 26.76
N ALA B 18 17.46 14.71 26.41
CA ALA B 18 17.60 16.04 27.02
C ALA B 18 16.89 16.04 28.36
N SER B 19 17.15 17.02 29.21
CA SER B 19 16.62 16.98 30.57
C SER B 19 15.10 16.94 30.64
N ARG B 20 14.57 16.32 31.68
CA ARG B 20 13.14 16.34 31.90
C ARG B 20 12.60 17.76 32.08
N ASP B 21 13.39 18.66 32.66
CA ASP B 21 12.97 20.05 32.76
C ASP B 21 12.73 20.69 31.39
N GLU B 22 13.67 20.48 30.47
CA GLU B 22 13.53 21.00 29.12
C GLU B 22 12.31 20.40 28.38
N LEU B 23 12.11 19.10 28.58
CA LEU B 23 10.98 18.39 27.98
C LEU B 23 9.65 18.91 28.48
N THR B 24 9.56 19.13 29.80
CA THR B 24 8.33 19.68 30.38
C THR B 24 8.02 21.04 29.77
N ALA B 25 9.04 21.87 29.66
CA ALA B 25 8.81 23.22 29.22
C ALA B 25 8.31 23.22 27.78
N LEU B 26 8.88 22.39 26.92
CA LEU B 26 8.43 22.33 25.53
C LEU B 26 7.08 21.64 25.36
N GLN B 27 6.79 20.67 26.21
CA GLN B 27 5.43 20.12 26.21
C GLN B 27 4.41 21.20 26.56
N LEU B 28 4.65 21.93 27.65
CA LEU B 28 3.73 22.99 28.04
C LEU B 28 3.46 23.98 26.92
N GLU B 29 4.51 24.46 26.25
CA GLU B 29 4.31 25.43 25.18
C GLU B 29 3.51 24.85 24.02
N ARG B 30 3.77 23.58 23.70
CA ARG B 30 3.13 22.95 22.57
C ARG B 30 1.66 22.66 22.93
N LEU B 31 1.44 22.30 24.17
CA LEU B 31 0.08 21.99 24.63
C LEU B 31 -0.79 23.25 24.61
N LYS B 32 -0.22 24.39 25.00
CA LYS B 32 -0.96 25.63 24.94
C LYS B 32 -1.37 25.94 23.51
N TRP B 33 -0.47 25.68 22.56
CA TRP B 33 -0.76 25.90 21.15
C TRP B 33 -1.84 24.95 20.68
N SER B 34 -1.73 23.68 21.06
CA SER B 34 -2.65 22.67 20.57
C SER B 34 -4.08 22.90 21.08
N LEU B 35 -4.20 23.29 22.35
CA LEU B 35 -5.53 23.58 22.89
C LEU B 35 -6.15 24.78 22.22
N ARG B 36 -5.34 25.81 21.94
CA ARG B 36 -5.86 26.96 21.22
C ARG B 36 -6.28 26.60 19.79
N HIS B 37 -5.43 25.84 19.11
CA HIS B 37 -5.68 25.45 17.72
C HIS B 37 -6.98 24.63 17.62
N ALA B 38 -7.15 23.70 18.55
CA ALA B 38 -8.37 22.90 18.64
C ALA B 38 -9.58 23.79 18.88
N TYR B 39 -9.53 24.58 19.95
CA TYR B 39 -10.65 25.46 20.28
C TYR B 39 -11.00 26.40 19.14
N ASP B 40 -10.00 26.96 18.49
CA ASP B 40 -10.22 28.00 17.51
C ASP B 40 -10.65 27.46 16.15
N HIS B 41 -10.20 26.25 15.82
CA HIS B 41 -10.30 25.78 14.43
C HIS B 41 -11.08 24.47 14.26
N SER B 42 -11.22 23.72 15.35
CA SER B 42 -11.99 22.48 15.30
C SER B 42 -13.38 22.68 15.87
N PRO B 43 -14.40 22.62 15.01
CA PRO B 43 -15.71 23.03 15.52
C PRO B 43 -16.22 22.08 16.60
N VAL B 44 -15.73 20.84 16.61
CA VAL B 44 -16.07 19.91 17.69
C VAL B 44 -15.50 20.32 19.04
N TYR B 45 -14.26 20.79 19.06
CA TYR B 45 -13.64 21.23 20.30
C TYR B 45 -14.18 22.56 20.82
N ARG B 46 -14.58 23.42 19.89
CA ARG B 46 -15.25 24.65 20.29
C ARG B 46 -16.48 24.28 21.13
N ARG B 47 -17.27 23.32 20.62
CA ARG B 47 -18.47 22.86 21.32
C ARG B 47 -18.12 22.15 22.63
N LYS B 48 -17.14 21.25 22.56
CA LYS B 48 -16.77 20.46 23.73
C LYS B 48 -16.24 21.31 24.88
N PHE B 49 -15.32 22.22 24.58
CA PHE B 49 -14.76 23.07 25.63
C PHE B 49 -15.83 24.00 26.19
N ASP B 50 -16.64 24.58 25.31
CA ASP B 50 -17.71 25.49 25.73
C ASP B 50 -18.68 24.77 26.66
N GLU B 51 -19.02 23.54 26.32
CA GLU B 51 -19.93 22.75 27.15
C GLU B 51 -19.36 22.32 28.50
N ALA B 52 -18.03 22.17 28.56
CA ALA B 52 -17.32 21.83 29.80
C ALA B 52 -16.99 23.08 30.62
N GLY B 53 -17.22 24.26 30.05
CA GLY B 53 -16.88 25.51 30.71
C GLY B 53 -15.38 25.74 30.92
N VAL B 54 -14.58 25.30 29.94
CA VAL B 54 -13.15 25.59 29.94
C VAL B 54 -12.75 26.39 28.70
N HIS B 55 -11.62 27.08 28.79
CA HIS B 55 -11.02 27.78 27.65
C HIS B 55 -9.55 27.37 27.66
N PRO B 56 -8.91 27.42 26.48
CA PRO B 56 -7.48 27.13 26.35
C PRO B 56 -6.62 27.82 27.40
N ASP B 57 -6.91 29.09 27.70
CA ASP B 57 -6.06 29.83 28.62
CA ASP B 57 -6.09 29.86 28.63
C ASP B 57 -6.20 29.38 30.08
N ASP B 58 -7.10 28.45 30.34
CA ASP B 58 -7.16 27.79 31.64
C ASP B 58 -5.97 26.86 31.89
N LEU B 59 -5.24 26.53 30.83
CA LEU B 59 -4.06 25.70 31.02
C LEU B 59 -2.85 26.55 31.36
N LYS B 60 -2.47 26.58 32.63
CA LYS B 60 -1.28 27.32 33.04
C LYS B 60 -0.03 26.46 33.14
N THR B 61 -0.21 25.19 33.54
CA THR B 61 0.88 24.22 33.56
C THR B 61 0.29 22.89 33.10
N LEU B 62 1.11 21.85 33.12
CA LEU B 62 0.67 20.54 32.62
C LEU B 62 -0.33 19.91 33.57
N ALA B 63 -0.27 20.31 34.85
CA ALA B 63 -1.18 19.78 35.86
C ALA B 63 -2.62 20.19 35.61
N ASP B 64 -2.81 21.22 34.79
CA ASP B 64 -4.15 21.69 34.43
C ASP B 64 -4.83 20.87 33.33
N LEU B 65 -4.08 19.98 32.68
CA LEU B 65 -4.65 19.25 31.55
C LEU B 65 -5.92 18.48 31.94
N SER B 66 -5.94 17.96 33.16
CA SER B 66 -7.10 17.15 33.59
C SER B 66 -8.36 17.93 33.92
N ARG B 67 -8.29 19.25 33.76
CA ARG B 67 -9.48 20.11 33.79
C ARG B 67 -10.31 20.03 32.50
N PHE B 68 -9.66 19.63 31.41
CA PHE B 68 -10.30 19.60 30.09
C PHE B 68 -11.06 18.30 29.90
N PRO B 69 -12.13 18.36 29.09
CA PRO B 69 -12.99 17.18 28.89
C PRO B 69 -12.29 16.16 28.00
N PHE B 70 -12.80 14.93 28.04
CA PHE B 70 -12.28 13.85 27.24
C PHE B 70 -12.86 13.89 25.84
N THR B 71 -12.15 13.21 24.93
CA THR B 71 -12.69 12.86 23.64
C THR B 71 -12.77 11.33 23.58
N THR B 72 -13.83 10.82 22.97
CA THR B 72 -14.05 9.38 22.87
C THR B 72 -14.24 8.96 21.42
N LYS B 73 -14.29 7.65 21.21
CA LYS B 73 -14.57 7.07 19.92
C LYS B 73 -15.88 7.64 19.34
N GLY B 74 -16.92 7.72 20.16
CA GLY B 74 -18.20 8.24 19.73
C GLY B 74 -18.14 9.63 19.16
N ASP B 75 -17.27 10.46 19.72
CA ASP B 75 -17.08 11.80 19.14
C ASP B 75 -16.61 11.69 17.70
N LEU B 76 -15.63 10.83 17.46
CA LEU B 76 -15.17 10.64 16.10
C LEU B 76 -16.26 10.05 15.22
N ARG B 77 -16.96 9.04 15.71
CA ARG B 77 -17.99 8.44 14.88
C ARG B 77 -19.07 9.43 14.49
N ASP B 78 -19.45 10.30 15.43
CA ASP B 78 -20.48 11.30 15.18
C ASP B 78 -20.01 12.37 14.17
N SER B 79 -18.71 12.47 13.97
CA SER B 79 -18.11 13.50 13.12
CA SER B 79 -18.20 13.52 13.10
C SER B 79 -17.78 12.99 11.73
N TYR B 80 -18.03 11.71 11.46
CA TYR B 80 -17.75 11.13 10.12
C TYR B 80 -18.38 11.95 8.99
N PRO B 81 -17.66 12.14 7.88
CA PRO B 81 -16.27 11.72 7.67
C PRO B 81 -15.20 12.72 8.12
N PHE B 82 -15.49 14.03 8.06
CA PHE B 82 -14.44 15.05 8.16
C PHE B 82 -14.70 16.11 9.25
N GLY B 83 -15.66 15.84 10.11
CA GLY B 83 -16.14 16.82 11.09
C GLY B 83 -15.13 17.25 12.12
N PHE B 85 -11.91 17.75 11.41
CA PHE B 85 -10.78 18.45 10.77
C PHE B 85 -10.68 19.92 11.20
N ALA B 86 -9.45 20.42 11.32
CA ALA B 86 -9.21 21.75 11.87
C ALA B 86 -8.41 22.61 10.88
N VAL B 87 -8.28 22.15 9.64
CA VAL B 87 -7.70 22.96 8.57
C VAL B 87 -8.56 22.80 7.31
N PRO B 88 -8.51 23.77 6.38
CA PRO B 88 -9.29 23.66 5.14
C PRO B 88 -8.89 22.44 4.32
N GLN B 89 -9.78 21.97 3.47
CA GLN B 89 -9.62 20.75 2.67
CA GLN B 89 -9.53 20.70 2.82
C GLN B 89 -8.33 20.74 1.87
N ASP B 90 -7.98 21.90 1.33
CA ASP B 90 -6.81 22.00 0.48
C ASP B 90 -5.48 21.91 1.22
N ARG B 91 -5.54 21.85 2.55
CA ARG B 91 -4.36 21.58 3.33
C ARG B 91 -4.30 20.12 3.80
N ILE B 92 -5.36 19.35 3.54
CA ILE B 92 -5.32 17.92 3.90
C ILE B 92 -4.55 17.14 2.85
N SER B 93 -3.40 16.57 3.24
CA SER B 93 -2.54 15.84 2.31
C SER B 93 -2.90 14.36 2.23
N ARG B 94 -3.54 13.87 3.29
CA ARG B 94 -3.70 12.41 3.48
C ARG B 94 -4.94 12.13 4.31
N ILE B 95 -5.68 11.10 3.90
CA ILE B 95 -6.78 10.53 4.70
CA ILE B 95 -6.75 10.56 4.72
C ILE B 95 -6.41 9.11 5.06
N HIS B 96 -6.61 8.75 6.33
CA HIS B 96 -6.52 7.32 6.77
C HIS B 96 -7.71 7.01 7.64
N ALA B 97 -7.81 5.76 8.08
CA ALA B 97 -8.97 5.35 8.88
C ALA B 97 -8.50 4.34 9.91
N SER B 98 -9.26 4.19 10.99
CA SER B 98 -9.04 3.08 11.90
C SER B 98 -9.39 1.74 11.24
N SER B 99 -9.07 0.65 11.93
CA SER B 99 -9.15 -0.69 11.32
C SER B 99 -10.54 -1.34 11.33
N GLY B 100 -11.47 -0.80 12.12
CA GLY B 100 -12.85 -1.31 12.19
C GLY B 100 -12.99 -2.44 13.20
N THR B 101 -11.97 -2.60 14.04
CA THR B 101 -11.96 -3.69 15.02
C THR B 101 -13.22 -3.68 15.89
N THR B 102 -13.60 -2.50 16.38
CA THR B 102 -14.70 -2.38 17.35
C THR B 102 -15.98 -1.80 16.73
N GLY B 103 -15.93 -1.47 15.45
CA GLY B 103 -17.09 -0.89 14.76
C GLY B 103 -16.70 -0.07 13.56
N LYS B 104 -17.58 0.83 13.14
CA LYS B 104 -17.35 1.58 11.94
C LYS B 104 -16.04 2.32 12.10
N PRO B 105 -15.15 2.19 11.12
CA PRO B 105 -13.88 2.91 11.14
C PRO B 105 -14.05 4.40 11.27
N THR B 106 -13.15 5.01 12.03
CA THR B 106 -13.14 6.45 12.15
C THR B 106 -12.03 7.05 11.31
N VAL B 107 -12.32 8.18 10.68
CA VAL B 107 -11.50 8.77 9.63
C VAL B 107 -10.62 9.86 10.23
N VAL B 108 -9.36 9.84 9.81
CA VAL B 108 -8.39 10.85 10.24
C VAL B 108 -7.73 11.51 9.04
N GLY B 109 -7.25 12.73 9.25
CA GLY B 109 -6.54 13.44 8.18
C GLY B 109 -5.22 14.01 8.68
N TYR B 110 -4.37 14.43 7.74
CA TYR B 110 -3.02 14.92 8.03
C TYR B 110 -2.70 16.04 7.05
N THR B 111 -2.08 17.10 7.53
CA THR B 111 -1.42 18.01 6.60
C THR B 111 -0.05 17.46 6.19
N ALA B 112 0.66 18.18 5.33
CA ALA B 112 2.01 17.80 4.97
C ALA B 112 2.92 17.79 6.19
N ALA B 113 2.78 18.79 7.07
CA ALA B 113 3.56 18.85 8.29
C ALA B 113 3.29 17.62 9.16
N ASP B 114 2.03 17.23 9.27
CA ASP B 114 1.67 16.04 10.03
C ASP B 114 2.33 14.77 9.48
N ILE B 115 2.28 14.61 8.16
CA ILE B 115 2.92 13.46 7.53
C ILE B 115 4.43 13.47 7.80
N ASP B 116 5.02 14.65 7.76
CA ASP B 116 6.45 14.76 8.05
C ASP B 116 6.78 14.35 9.49
N THR B 117 6.04 14.88 10.46
CA THR B 117 6.21 14.49 11.85
C THR B 117 6.09 12.97 12.04
N TRP B 118 5.04 12.40 11.46
CA TRP B 118 4.83 10.97 11.55
C TRP B 118 6.01 10.16 11.02
N ALA B 119 6.55 10.58 9.87
CA ALA B 119 7.72 9.95 9.25
C ALA B 119 8.91 10.06 10.18
N ASN B 120 9.11 11.24 10.78
CA ASN B 120 10.14 11.41 11.81
C ASN B 120 10.02 10.52 13.05
N LEU B 121 8.79 10.29 13.52
CA LEU B 121 8.57 9.52 14.73
C LEU B 121 8.64 8.03 14.47
N VAL B 122 8.25 7.60 13.27
CA VAL B 122 8.46 6.21 12.92
C VAL B 122 9.96 5.94 12.67
N ALA B 123 10.66 6.90 12.07
CA ALA B 123 12.09 6.73 11.94
C ALA B 123 12.75 6.61 13.33
N ARG B 124 12.38 7.49 14.25
CA ARG B 124 12.88 7.46 15.60
C ARG B 124 12.66 6.08 16.24
N SER B 125 11.49 5.51 15.99
CA SER B 125 11.13 4.19 16.51
C SER B 125 11.99 3.07 15.94
N ILE B 126 12.26 3.17 14.63
CA ILE B 126 13.10 2.22 13.96
C ILE B 126 14.56 2.34 14.40
N ARG B 127 15.02 3.58 14.60
CA ARG B 127 16.35 3.75 15.19
C ARG B 127 16.41 3.10 16.58
N ALA B 128 15.34 3.25 17.37
CA ALA B 128 15.31 2.73 18.75
C ALA B 128 15.34 1.21 18.77
N ALA B 129 14.95 0.60 17.65
CA ALA B 129 14.92 -0.85 17.49
C ALA B 129 16.33 -1.41 17.24
N GLY B 130 17.27 -0.52 16.96
CA GLY B 130 18.66 -0.92 16.70
C GLY B 130 19.00 -0.98 15.22
N ALA B 131 18.24 -0.26 14.38
CA ALA B 131 18.51 -0.23 12.94
C ALA B 131 19.92 0.35 12.69
N ARG B 132 20.53 -0.05 11.58
CA ARG B 132 21.85 0.46 11.19
C ARG B 132 21.81 1.00 9.77
N ARG B 133 22.78 1.84 9.45
CA ARG B 133 22.94 2.26 8.06
C ARG B 133 23.06 1.04 7.16
N GLY B 134 22.33 1.04 6.06
CA GLY B 134 22.41 -0.01 5.06
C GLY B 134 21.37 -1.10 5.28
N ASP B 135 20.60 -0.99 6.34
CA ASP B 135 19.59 -2.02 6.61
C ASP B 135 18.50 -1.98 5.53
N LYS B 136 17.99 -3.17 5.20
CA LYS B 136 16.80 -3.30 4.36
C LYS B 136 15.62 -3.60 5.26
N VAL B 137 14.52 -2.92 5.03
CA VAL B 137 13.31 -3.11 5.83
C VAL B 137 12.21 -3.74 5.00
N HIS B 138 11.75 -4.92 5.44
CA HIS B 138 10.66 -5.62 4.82
C HIS B 138 9.37 -5.25 5.55
N VAL B 139 8.51 -4.48 4.89
CA VAL B 139 7.29 -3.98 5.53
C VAL B 139 6.12 -4.89 5.20
N SER B 140 5.60 -5.56 6.22
CA SER B 140 4.53 -6.53 6.05
C SER B 140 3.20 -6.00 6.59
N TYR B 141 3.22 -4.88 7.31
CA TYR B 141 1.98 -4.20 7.65
CA TYR B 141 1.99 -4.13 7.64
C TYR B 141 1.18 -3.83 6.38
N GLY B 142 -0.16 -3.92 6.48
CA GLY B 142 -1.04 -3.57 5.34
C GLY B 142 -0.88 -2.15 4.81
N TYR B 143 -0.82 -2.03 3.49
CA TYR B 143 -0.84 -0.72 2.82
C TYR B 143 -2.27 -0.43 2.40
N GLY B 144 -2.72 0.79 2.68
CA GLY B 144 -4.07 1.21 2.33
C GLY B 144 -4.56 2.24 3.32
N LEU B 145 -5.88 2.28 3.55
CA LEU B 145 -6.43 3.25 4.50
C LEU B 145 -5.97 3.02 5.93
N PHE B 146 -5.66 1.78 6.29
CA PHE B 146 -5.03 1.47 7.59
C PHE B 146 -3.73 2.27 7.73
N THR B 147 -3.44 2.76 8.94
CA THR B 147 -2.22 3.59 9.08
C THR B 147 -0.91 2.79 9.07
N GLY B 148 -0.97 1.48 9.33
CA GLY B 148 0.23 0.74 9.66
C GLY B 148 1.27 0.75 8.54
N GLY B 149 0.87 0.21 7.39
CA GLY B 149 1.81 -0.01 6.31
C GLY B 149 2.45 1.29 5.82
N LEU B 150 1.63 2.27 5.50
CA LEU B 150 2.19 3.53 4.98
C LEU B 150 2.96 4.29 6.04
N GLY B 151 2.52 4.20 7.29
CA GLY B 151 3.27 4.75 8.42
C GLY B 151 4.64 4.13 8.60
N ALA B 152 4.71 2.81 8.58
CA ALA B 152 6.01 2.12 8.60
C ALA B 152 6.88 2.49 7.38
N HIS B 153 6.26 2.53 6.20
CA HIS B 153 6.94 2.77 4.92
C HIS B 153 7.65 4.12 4.99
N TYR B 154 6.89 5.16 5.34
CA TYR B 154 7.42 6.52 5.31
C TYR B 154 8.54 6.66 6.32
N GLY B 155 8.38 6.01 7.47
CA GLY B 155 9.35 6.08 8.56
C GLY B 155 10.64 5.38 8.17
N ALA B 156 10.53 4.21 7.54
CA ALA B 156 11.73 3.49 7.13
C ALA B 156 12.47 4.28 6.05
N GLU B 157 11.71 4.92 5.18
CA GLU B 157 12.27 5.68 4.08
C GLU B 157 12.94 6.94 4.65
N ARG B 158 12.33 7.50 5.70
CA ARG B 158 12.85 8.72 6.33
C ARG B 158 14.14 8.44 7.09
N ALA B 159 14.25 7.24 7.64
CA ALA B 159 15.48 6.79 8.28
C ALA B 159 16.65 6.56 7.35
N GLY B 160 16.37 6.57 6.04
CA GLY B 160 17.39 6.39 5.00
C GLY B 160 17.66 4.95 4.64
N LEU B 161 16.74 4.07 5.01
CA LEU B 161 16.93 2.66 4.84
C LEU B 161 16.36 2.21 3.49
N THR B 162 16.58 0.94 3.16
CA THR B 162 16.10 0.40 1.90
C THR B 162 14.77 -0.25 2.20
N VAL B 163 13.71 0.35 1.65
CA VAL B 163 12.36 -0.08 1.90
C VAL B 163 11.88 -1.09 0.84
N ILE B 164 11.35 -2.20 1.35
CA ILE B 164 10.77 -3.27 0.56
C ILE B 164 9.28 -3.33 0.91
N PRO B 165 8.44 -2.67 0.09
CA PRO B 165 7.06 -2.42 0.49
C PRO B 165 6.14 -3.57 0.16
N PHE B 166 6.27 -4.69 0.85
CA PHE B 166 5.47 -5.85 0.48
C PHE B 166 4.01 -5.76 0.88
N GLY B 167 3.75 -5.34 2.11
CA GLY B 167 2.37 -5.33 2.61
C GLY B 167 1.95 -6.69 3.12
N GLY B 168 0.65 -6.90 3.21
CA GLY B 168 0.13 -8.10 3.87
C GLY B 168 -0.10 -9.26 2.92
N GLY B 169 -0.22 -10.47 3.45
CA GLY B 169 -0.62 -11.62 2.65
C GLY B 169 0.48 -12.26 1.83
N GLN B 170 0.10 -13.26 1.03
CA GLN B 170 1.03 -13.94 0.13
C GLN B 170 2.22 -14.46 0.91
N THR B 171 1.94 -15.28 1.93
CA THR B 171 2.97 -15.72 2.86
C THR B 171 4.13 -16.47 2.21
N GLU B 172 3.83 -17.33 1.25
CA GLU B 172 4.87 -18.07 0.55
C GLU B 172 5.81 -17.10 -0.13
N LYS B 173 5.25 -16.06 -0.75
CA LYS B 173 6.07 -15.09 -1.47
C LYS B 173 6.88 -14.20 -0.54
N GLN B 174 6.33 -13.87 0.62
CA GLN B 174 7.08 -13.07 1.59
C GLN B 174 8.32 -13.82 2.03
N VAL B 175 8.14 -15.12 2.27
CA VAL B 175 9.26 -15.97 2.61
C VAL B 175 10.29 -16.09 1.48
N GLN B 176 9.84 -16.28 0.25
CA GLN B 176 10.76 -16.27 -0.89
C GLN B 176 11.58 -14.98 -0.92
N LEU B 177 10.94 -13.85 -0.63
CA LEU B 177 11.67 -12.59 -0.72
C LEU B 177 12.53 -12.26 0.51
N ILE B 178 12.18 -12.84 1.65
CA ILE B 178 13.08 -12.86 2.78
C ILE B 178 14.39 -13.63 2.51
N GLN B 179 14.25 -14.72 1.76
CA GLN B 179 15.41 -15.45 1.27
C GLN B 179 16.19 -14.65 0.23
N ASP B 180 15.47 -14.11 -0.75
CA ASP B 180 16.12 -13.57 -1.96
C ASP B 180 16.71 -12.18 -1.70
N PHE B 181 16.00 -11.35 -0.93
CA PHE B 181 16.41 -9.94 -0.76
C PHE B 181 17.25 -9.78 0.51
N ARG B 182 17.18 -10.78 1.39
CA ARG B 182 17.89 -10.76 2.67
C ARG B 182 17.67 -9.46 3.46
N PRO B 183 16.40 -9.17 3.79
CA PRO B 183 16.19 -8.01 4.67
C PRO B 183 16.79 -8.16 6.07
N ASP B 184 17.00 -7.03 6.73
CA ASP B 184 17.58 -6.98 8.07
C ASP B 184 16.51 -6.79 9.14
N ILE B 185 15.45 -6.08 8.78
CA ILE B 185 14.40 -5.70 9.73
C ILE B 185 13.07 -6.04 9.09
N ILE B 186 12.16 -6.63 9.86
CA ILE B 186 10.82 -6.84 9.37
C ILE B 186 9.82 -6.13 10.25
N VAL B 188 5.92 -5.89 11.16
CA VAL B 188 4.83 -6.86 10.96
C VAL B 188 4.10 -7.08 12.29
N THR B 189 2.85 -7.54 12.27
CA THR B 189 2.17 -7.91 13.51
C THR B 189 2.77 -9.19 14.07
N PRO B 190 2.84 -9.28 15.40
CA PRO B 190 3.38 -10.50 15.97
C PRO B 190 2.60 -11.73 15.50
N SER B 191 1.29 -11.62 15.34
CA SER B 191 0.54 -12.82 14.96
C SER B 191 0.84 -13.26 13.51
N TYR B 192 1.08 -12.31 12.63
CA TYR B 192 1.45 -12.66 11.26
C TYR B 192 2.91 -13.12 11.17
N LEU B 194 4.21 -15.12 13.21
CA LEU B 194 4.15 -16.55 13.52
C LEU B 194 3.91 -17.37 12.25
N SER B 195 3.01 -16.88 11.40
CA SER B 195 2.73 -17.52 10.11
C SER B 195 3.94 -17.52 9.20
N ILE B 196 4.60 -16.38 9.10
CA ILE B 196 5.83 -16.31 8.34
C ILE B 196 6.88 -17.33 8.83
N ALA B 197 7.06 -17.42 10.14
CA ALA B 197 7.99 -18.38 10.73
C ALA B 197 7.60 -19.82 10.37
N ASP B 198 6.30 -20.10 10.37
CA ASP B 198 5.84 -21.46 10.06
C ASP B 198 6.20 -21.81 8.62
N GLU B 199 6.08 -20.82 7.74
CA GLU B 199 6.27 -21.04 6.31
C GLU B 199 7.76 -21.19 5.99
N ILE B 200 8.60 -20.47 6.71
CA ILE B 200 10.05 -20.68 6.63
C ILE B 200 10.37 -22.13 6.97
N GLU B 201 9.76 -22.65 8.03
CA GLU B 201 10.08 -24.00 8.49
C GLU B 201 9.49 -25.03 7.55
N ARG B 202 8.38 -24.67 6.91
CA ARG B 202 7.71 -25.55 5.97
C ARG B 202 8.49 -25.69 4.65
N GLN B 203 9.09 -24.59 4.18
CA GLN B 203 9.97 -24.62 3.02
C GLN B 203 11.33 -25.26 3.34
N GLY B 204 11.45 -25.83 4.54
CA GLY B 204 12.63 -26.61 4.92
C GLY B 204 13.81 -25.80 5.45
N LEU B 205 13.59 -24.52 5.75
CA LEU B 205 14.66 -23.64 6.20
C LEU B 205 14.70 -23.51 7.72
N ASP B 206 15.89 -23.25 8.25
CA ASP B 206 16.08 -22.91 9.65
C ASP B 206 15.87 -21.40 9.85
N PRO B 207 14.77 -21.04 10.53
CA PRO B 207 14.38 -19.63 10.66
C PRO B 207 15.38 -18.78 11.43
N VAL B 208 16.11 -19.41 12.35
CA VAL B 208 17.21 -18.73 13.05
C VAL B 208 18.25 -18.19 12.08
N GLN B 209 18.45 -18.91 10.98
CA GLN B 209 19.46 -18.54 9.99
C GLN B 209 18.95 -17.54 8.95
N SER B 210 17.70 -17.09 9.09
CA SER B 210 17.23 -15.94 8.28
C SER B 210 18.15 -14.71 8.38
N SER B 211 18.15 -13.89 7.33
CA SER B 211 18.94 -12.65 7.36
C SER B 211 18.44 -11.70 8.45
N LEU B 212 17.15 -11.75 8.74
CA LEU B 212 16.56 -10.86 9.72
C LEU B 212 17.31 -10.83 11.06
N ARG B 213 17.48 -9.62 11.56
CA ARG B 213 18.15 -9.33 12.82
C ARG B 213 17.14 -8.73 13.82
N ILE B 214 16.13 -8.03 13.30
CA ILE B 214 15.24 -7.20 14.12
C ILE B 214 13.83 -7.38 13.60
N GLY B 215 12.90 -7.64 14.52
CA GLY B 215 11.49 -7.53 14.23
C GLY B 215 10.86 -6.41 15.02
N ILE B 216 10.10 -5.56 14.33
CA ILE B 216 9.40 -4.48 15.01
C ILE B 216 7.91 -4.78 14.89
N PHE B 217 7.32 -5.19 16.01
CA PHE B 217 5.98 -5.81 15.99
C PHE B 217 5.01 -4.91 16.72
N GLY B 218 3.88 -4.62 16.10
CA GLY B 218 2.84 -3.87 16.76
C GLY B 218 1.44 -4.22 16.31
N ALA B 219 0.55 -3.24 16.46
CA ALA B 219 -0.83 -3.26 15.98
C ALA B 219 -1.74 -4.16 16.80
N GLU B 220 -1.17 -4.86 17.79
CA GLU B 220 -1.94 -5.76 18.63
C GLU B 220 -1.11 -6.23 19.85
N PRO B 221 -1.78 -6.75 20.90
CA PRO B 221 -1.00 -7.07 22.09
C PRO B 221 -0.19 -8.35 21.90
N TRP B 222 0.96 -8.39 22.56
CA TRP B 222 1.80 -9.59 22.57
C TRP B 222 2.69 -9.54 23.80
N THR B 223 2.80 -10.67 24.51
CA THR B 223 3.44 -10.67 25.82
C THR B 223 4.96 -10.68 25.69
N ASN B 224 5.62 -10.43 26.81
CA ASN B 224 7.05 -10.68 26.90
C ASN B 224 7.39 -12.12 26.63
N ASP B 225 6.53 -13.05 27.04
CA ASP B 225 6.80 -14.44 26.76
C ASP B 225 6.74 -14.76 25.27
N ARG B 227 7.43 -12.49 23.00
CA ARG B 227 8.67 -11.90 22.53
C ARG B 227 9.83 -12.89 22.58
N VAL B 228 10.03 -13.50 23.73
CA VAL B 228 11.15 -14.44 23.92
C VAL B 228 10.98 -15.66 22.99
N ALA B 229 9.75 -16.13 22.84
CA ALA B 229 9.47 -17.21 21.90
C ALA B 229 9.88 -16.86 20.45
N ILE B 230 9.48 -15.68 19.97
CA ILE B 230 9.75 -15.31 18.60
C ILE B 230 11.25 -15.06 18.43
N GLU B 231 11.86 -14.46 19.43
CA GLU B 231 13.29 -14.17 19.39
C GLU B 231 14.13 -15.41 19.23
N GLN B 232 13.73 -16.46 19.94
CA GLN B 232 14.47 -17.72 19.94
C GLN B 232 14.26 -18.41 18.60
N ARG B 233 13.02 -18.39 18.13
CA ARG B 233 12.65 -19.03 16.88
C ARG B 233 13.32 -18.41 15.65
N GLY B 235 15.78 -15.98 15.70
CA GLY B 235 17.13 -15.45 15.92
C GLY B 235 17.19 -13.95 15.68
N ILE B 236 16.26 -13.23 16.30
CA ILE B 236 16.20 -11.76 16.17
C ILE B 236 16.13 -11.11 17.55
N ASP B 237 16.28 -9.78 17.57
CA ASP B 237 15.70 -8.95 18.62
C ASP B 237 14.32 -8.46 18.18
N ALA B 238 13.35 -8.54 19.08
CA ALA B 238 11.99 -8.16 18.79
C ALA B 238 11.59 -7.05 19.74
N VAL B 239 11.06 -5.96 19.18
CA VAL B 239 10.64 -4.81 19.99
C VAL B 239 9.22 -4.40 19.58
N ASP B 240 8.56 -3.73 20.51
CA ASP B 240 7.14 -3.40 20.42
C ASP B 240 7.03 -1.94 19.92
N ILE B 241 6.21 -1.73 18.87
CA ILE B 241 5.86 -0.37 18.41
C ILE B 241 4.36 -0.17 18.56
N TYR B 242 3.96 0.97 19.12
CA TYR B 242 2.55 1.22 19.43
C TYR B 242 2.04 2.38 18.61
N GLY B 243 0.76 2.35 18.25
CA GLY B 243 0.11 3.51 17.72
C GLY B 243 -1.39 3.33 17.65
N LEU B 244 -2.07 4.42 17.36
CA LEU B 244 -3.47 4.36 16.96
C LEU B 244 -3.80 5.52 16.08
N SER B 245 -4.63 5.22 15.07
CA SER B 245 -4.95 6.15 14.00
C SER B 245 -5.47 7.53 14.45
N GLU B 246 -6.22 7.56 15.56
CA GLU B 246 -6.79 8.82 16.04
C GLU B 246 -5.67 9.77 16.40
N VAL B 247 -4.61 9.22 16.99
CA VAL B 247 -3.50 10.03 17.52
C VAL B 247 -2.48 10.30 16.43
N GLY B 249 -0.88 7.09 14.27
CA GLY B 249 -0.62 5.82 13.58
C GLY B 249 0.49 5.13 14.35
N PRO B 250 1.15 4.14 13.75
CA PRO B 250 2.30 3.51 14.44
C PRO B 250 3.37 4.58 14.67
N GLY B 251 4.06 4.48 15.79
CA GLY B 251 5.11 5.45 16.08
C GLY B 251 4.74 6.43 17.16
N VAL B 252 3.56 6.29 17.77
CA VAL B 252 3.28 7.01 19.00
C VAL B 252 4.29 6.67 20.10
N ALA B 253 4.63 5.39 20.21
CA ALA B 253 5.58 4.92 21.21
C ALA B 253 6.29 3.70 20.64
N SER B 254 7.55 3.51 21.02
CA SER B 254 8.28 2.34 20.54
C SER B 254 9.38 1.92 21.51
N GLU B 255 9.56 0.61 21.65
CA GLU B 255 10.52 0.10 22.60
C GLU B 255 11.95 0.38 22.19
N CYS B 256 12.79 0.60 23.19
CA CYS B 256 14.25 0.70 22.96
C CYS B 256 14.89 -0.67 23.12
N VAL B 257 15.62 -1.11 22.09
CA VAL B 257 16.06 -2.51 22.02
C VAL B 257 17.08 -2.80 23.14
N GLU B 258 17.67 -1.75 23.69
CA GLU B 258 18.68 -1.94 24.74
C GLU B 258 18.07 -2.20 26.12
N THR B 259 16.76 -1.99 26.26
CA THR B 259 16.05 -2.24 27.52
C THR B 259 14.85 -3.15 27.41
N LYS B 260 14.18 -3.15 26.24
CA LYS B 260 13.01 -4.02 26.04
C LYS B 260 12.06 -3.97 27.23
N ASP B 261 11.76 -2.75 27.68
CA ASP B 261 11.00 -2.56 28.91
C ASP B 261 9.69 -1.82 28.67
N GLY B 262 9.07 -2.08 27.50
CA GLY B 262 7.84 -1.41 27.13
C GLY B 262 8.06 -0.19 26.27
N PRO B 263 7.14 0.09 25.34
CA PRO B 263 7.33 1.19 24.41
C PRO B 263 7.59 2.51 25.16
N THR B 264 8.68 3.19 24.81
CA THR B 264 8.89 4.58 25.20
C THR B 264 7.97 5.52 24.40
N ILE B 265 7.17 6.31 25.13
CA ILE B 265 6.20 7.19 24.52
C ILE B 265 6.92 8.43 24.01
N TRP B 266 6.61 8.82 22.78
CA TRP B 266 7.23 10.05 22.20
C TRP B 266 6.43 11.27 22.65
N GLU B 267 6.61 11.59 23.93
CA GLU B 267 5.76 12.55 24.59
C GLU B 267 6.19 13.99 24.33
N ASP B 268 7.22 14.17 23.50
CA ASP B 268 7.39 15.46 22.85
C ASP B 268 6.33 15.78 21.79
N HIS B 269 5.55 14.77 21.37
CA HIS B 269 4.46 15.01 20.43
C HIS B 269 3.10 14.55 20.94
N PHE B 270 3.09 13.53 21.78
CA PHE B 270 1.82 12.94 22.27
C PHE B 270 1.84 12.79 23.78
N TYR B 271 1.04 13.58 24.47
CA TYR B 271 1.16 13.65 25.94
C TYR B 271 0.21 12.64 26.56
N PRO B 272 0.77 11.70 27.35
CA PRO B 272 -0.02 10.59 27.86
C PRO B 272 -0.57 10.87 29.27
N GLU B 273 -1.72 10.28 29.59
CA GLU B 273 -2.19 10.22 30.97
C GLU B 273 -2.76 8.83 31.15
N ILE B 274 -2.99 8.45 32.40
CA ILE B 274 -3.67 7.19 32.71
C ILE B 274 -4.82 7.53 33.63
N ILE B 275 -6.00 6.97 33.35
CA ILE B 275 -7.17 7.24 34.16
C ILE B 275 -7.77 5.94 34.69
N ASP B 276 -8.50 6.06 35.78
CA ASP B 276 -9.49 5.04 36.16
C ASP B 276 -10.64 5.07 35.16
N PRO B 277 -10.79 3.98 34.39
CA PRO B 277 -11.75 4.03 33.28
C PRO B 277 -13.18 4.22 33.76
N GLU B 278 -13.45 3.89 35.02
CA GLU B 278 -14.80 4.02 35.56
C GLU B 278 -15.14 5.45 35.99
N THR B 279 -14.15 6.17 36.51
CA THR B 279 -14.39 7.50 37.10
C THR B 279 -13.80 8.64 36.28
N GLY B 280 -12.84 8.32 35.42
CA GLY B 280 -12.13 9.36 34.68
C GLY B 280 -11.05 10.09 35.46
N GLU B 281 -10.85 9.72 36.73
CA GLU B 281 -9.81 10.35 37.54
C GLU B 281 -8.42 9.93 37.06
N VAL B 282 -7.51 10.89 36.99
CA VAL B 282 -6.12 10.58 36.71
C VAL B 282 -5.44 9.79 37.83
N LEU B 283 -4.67 8.78 37.45
CA LEU B 283 -3.96 7.91 38.40
C LEU B 283 -2.49 8.29 38.47
N PRO B 284 -1.86 8.15 39.63
CA PRO B 284 -0.41 8.30 39.67
C PRO B 284 0.33 7.31 38.77
N ASP B 285 1.46 7.76 38.21
CA ASP B 285 2.25 6.92 37.34
C ASP B 285 2.62 5.62 38.05
N GLY B 286 2.49 4.51 37.34
CA GLY B 286 2.76 3.20 37.91
C GLY B 286 1.50 2.37 38.08
N GLU B 287 0.35 3.03 38.12
CA GLU B 287 -0.92 2.30 38.27
C GLU B 287 -1.53 1.97 36.91
N LEU B 288 -2.18 0.82 36.83
CA LEU B 288 -2.81 0.38 35.61
C LEU B 288 -4.15 1.10 35.42
N GLY B 289 -4.40 1.54 34.20
CA GLY B 289 -5.66 2.18 33.87
C GLY B 289 -5.76 2.38 32.37
N GLU B 290 -6.65 3.28 31.96
CA GLU B 290 -6.87 3.53 30.54
C GLU B 290 -5.93 4.62 30.08
N LEU B 291 -5.33 4.41 28.91
CA LEU B 291 -4.37 5.37 28.35
C LEU B 291 -5.16 6.49 27.66
N VAL B 292 -4.68 7.72 27.83
CA VAL B 292 -5.36 8.89 27.27
C VAL B 292 -4.24 9.73 26.65
N PHE B 293 -4.45 10.19 25.41
CA PHE B 293 -3.42 11.00 24.68
C PHE B 293 -3.94 12.36 24.28
N THR B 294 -3.03 13.33 24.27
CA THR B 294 -3.32 14.64 23.71
C THR B 294 -2.21 15.00 22.74
N SER B 295 -2.58 15.32 21.51
CA SER B 295 -1.55 15.70 20.51
C SER B 295 -1.02 17.08 20.82
N LEU B 296 0.28 17.24 20.65
CA LEU B 296 0.95 18.52 20.95
C LEU B 296 1.32 19.30 19.69
N THR B 297 1.39 18.62 18.54
CA THR B 297 1.89 19.28 17.32
C THR B 297 1.05 19.09 16.06
N LYS B 298 -0.08 18.40 16.18
CA LYS B 298 -0.87 18.02 15.02
C LYS B 298 -1.70 19.18 14.50
N GLU B 299 -1.80 19.30 13.18
CA GLU B 299 -2.51 20.40 12.53
C GLU B 299 -3.91 19.98 12.10
N ALA B 300 -4.00 18.96 11.25
CA ALA B 300 -5.28 18.70 10.61
C ALA B 300 -6.30 18.15 11.60
N LEU B 301 -5.86 17.28 12.52
CA LEU B 301 -6.79 16.63 13.45
C LEU B 301 -6.23 16.68 14.87
N PRO B 302 -6.17 17.88 15.46
CA PRO B 302 -5.75 17.89 16.85
C PRO B 302 -6.71 17.03 17.67
N ILE B 303 -6.15 16.33 18.64
CA ILE B 303 -6.91 15.44 19.49
C ILE B 303 -6.57 15.68 20.95
N ILE B 304 -7.59 16.01 21.73
CA ILE B 304 -7.39 16.45 23.10
C ILE B 304 -7.94 15.39 24.06
N ARG B 305 -7.09 14.88 24.96
CA ARG B 305 -7.47 13.85 25.96
C ARG B 305 -8.32 12.72 25.40
N TYR B 306 -7.83 12.12 24.31
CA TYR B 306 -8.48 10.97 23.70
C TYR B 306 -8.36 9.73 24.56
N ARG B 307 -9.51 9.13 24.89
CA ARG B 307 -9.60 7.91 25.70
C ARG B 307 -9.43 6.71 24.78
N THR B 308 -8.25 6.09 24.83
CA THR B 308 -7.87 5.13 23.78
C THR B 308 -8.62 3.83 23.91
N ARG B 309 -9.10 3.56 25.12
CA ARG B 309 -9.52 2.21 25.54
C ARG B 309 -8.43 1.15 25.64
N ASP B 310 -7.18 1.54 25.49
CA ASP B 310 -6.07 0.65 25.72
C ASP B 310 -5.65 0.73 27.19
N LEU B 311 -5.34 -0.43 27.78
CA LEU B 311 -5.05 -0.49 29.23
C LEU B 311 -3.59 -0.80 29.47
N THR B 312 -2.98 0.01 30.33
CA THR B 312 -1.53 -0.04 30.55
C THR B 312 -1.20 0.86 31.75
N ARG B 313 0.08 1.10 32.00
CA ARG B 313 0.49 1.99 33.08
C ARG B 313 1.71 2.75 32.61
N LEU B 314 1.93 3.91 33.19
CA LEU B 314 3.08 4.73 32.81
C LEU B 314 4.25 4.41 33.72
N LEU B 315 5.45 4.43 33.17
CA LEU B 315 6.64 4.02 33.90
C LEU B 315 7.73 5.05 33.58
N PRO B 316 8.69 5.24 34.50
CA PRO B 316 9.68 6.30 34.28
C PRO B 316 10.59 6.00 33.10
N GLY B 317 11.11 7.04 32.47
CA GLY B 317 12.07 6.85 31.39
C GLY B 317 13.26 6.05 31.85
N THR B 318 13.77 5.19 30.97
CA THR B 318 14.98 4.46 31.23
C THR B 318 16.03 4.78 30.14
N ALA B 319 15.83 4.24 28.94
CA ALA B 319 16.77 4.44 27.85
C ALA B 319 16.59 5.82 27.19
N ARG B 320 15.45 6.45 27.47
CA ARG B 320 15.18 7.82 27.02
C ARG B 320 14.71 8.68 28.20
N THR B 321 14.71 9.99 28.04
CA THR B 321 14.07 10.84 29.03
C THR B 321 12.58 10.58 29.12
N ARG B 323 8.90 8.92 29.24
CA ARG B 323 8.30 7.84 29.97
C ARG B 323 7.97 6.66 29.05
N ARG B 324 7.74 5.49 29.65
CA ARG B 324 7.34 4.32 28.89
C ARG B 324 5.87 4.04 29.20
N GLU B 326 3.88 0.31 29.91
CA GLU B 326 3.90 -1.14 29.91
C GLU B 326 3.32 -1.70 28.60
N LYS B 327 3.83 -2.83 28.14
CA LYS B 327 3.17 -3.53 27.05
C LYS B 327 1.67 -3.58 27.37
N ILE B 328 0.85 -3.31 26.36
CA ILE B 328 -0.60 -3.14 26.51
C ILE B 328 -1.21 -4.44 27.04
N THR B 329 -1.92 -4.37 28.16
CA THR B 329 -2.64 -5.55 28.71
C THR B 329 -3.73 -6.03 27.75
N GLY B 330 -4.48 -5.09 27.20
CA GLY B 330 -5.52 -5.34 26.22
C GLY B 330 -6.29 -4.07 25.98
N ARG B 331 -7.26 -4.13 25.07
CA ARG B 331 -8.34 -3.13 25.00
C ARG B 331 -9.34 -3.39 26.13
N SER B 332 -10.02 -2.33 26.59
CA SER B 332 -11.24 -2.50 27.38
C SER B 332 -12.16 -3.51 26.68
N ASP B 333 -12.16 -3.45 25.36
CA ASP B 333 -13.02 -4.28 24.52
C ASP B 333 -12.63 -5.76 24.56
N ASP B 334 -11.38 -6.02 24.96
CA ASP B 334 -10.85 -7.38 25.05
C ASP B 334 -11.22 -8.10 26.34
N ILE B 337 -15.44 -11.24 30.94
CA ILE B 337 -15.86 -11.53 32.29
C ILE B 337 -16.43 -12.95 32.33
N VAL B 338 -15.68 -13.82 32.98
CA VAL B 338 -15.92 -15.26 32.91
C VAL B 338 -16.22 -15.72 34.33
N ARG B 339 -17.49 -16.05 34.56
CA ARG B 339 -17.94 -16.42 35.89
C ARG B 339 -17.46 -15.44 36.96
N GLY B 340 -17.59 -14.15 36.67
CA GLY B 340 -17.27 -13.10 37.63
C GLY B 340 -15.82 -12.68 37.67
N VAL B 341 -14.97 -13.36 36.91
CA VAL B 341 -13.53 -13.06 36.94
C VAL B 341 -13.14 -12.32 35.66
N ASN B 342 -12.41 -11.21 35.80
CA ASN B 342 -11.94 -10.46 34.62
C ASN B 342 -10.67 -11.05 34.05
N VAL B 343 -10.67 -11.35 32.76
CA VAL B 343 -9.52 -12.01 32.15
C VAL B 343 -9.25 -11.45 30.76
N PHE B 344 -7.96 -11.23 30.47
CA PHE B 344 -7.55 -10.79 29.15
C PHE B 344 -6.89 -11.90 28.35
N PRO B 345 -7.04 -11.84 27.01
CA PRO B 345 -6.31 -12.78 26.16
C PRO B 345 -4.81 -12.84 26.41
N THR B 346 -4.17 -11.72 26.72
CA THR B 346 -2.74 -11.78 27.05
C THR B 346 -2.42 -12.63 28.29
N GLN B 347 -3.35 -12.71 29.23
CA GLN B 347 -3.13 -13.55 30.40
C GLN B 347 -3.16 -15.02 30.02
N ILE B 348 -4.09 -15.37 29.14
CA ILE B 348 -4.20 -16.71 28.57
C ILE B 348 -2.97 -17.08 27.72
N GLU B 349 -2.48 -16.09 26.98
CA GLU B 349 -1.30 -16.26 26.13
C GLU B 349 -0.07 -16.63 26.97
N GLU B 350 0.09 -15.97 28.12
CA GLU B 350 1.23 -16.21 28.99
C GLU B 350 1.27 -17.69 29.41
N GLN B 351 0.10 -18.23 29.75
CA GLN B 351 0.07 -19.63 30.18
C GLN B 351 0.28 -20.58 29.00
N LEU B 352 -0.37 -20.30 27.88
CA LEU B 352 -0.19 -21.09 26.66
C LEU B 352 1.28 -21.25 26.28
N LEU B 353 2.04 -20.16 26.34
CA LEU B 353 3.44 -20.18 25.95
C LEU B 353 4.37 -20.99 26.84
N LYS B 354 3.89 -21.41 28.01
CA LYS B 354 4.65 -22.30 28.89
C LYS B 354 4.71 -23.72 28.33
N GLN B 355 3.82 -24.02 27.40
CA GLN B 355 3.70 -25.37 26.84
C GLN B 355 4.51 -25.50 25.56
N ARG B 356 5.66 -26.17 25.67
CA ARG B 356 6.56 -26.32 24.54
C ARG B 356 6.00 -27.26 23.47
N ALA B 357 5.07 -28.12 23.88
CA ALA B 357 4.46 -29.06 22.95
C ALA B 357 3.38 -28.42 22.07
N LEU B 358 2.96 -27.20 22.42
CA LEU B 358 1.86 -26.54 21.72
C LEU B 358 2.39 -25.34 20.96
N ALA B 359 1.73 -25.02 19.87
CA ALA B 359 2.10 -23.87 19.05
C ALA B 359 1.76 -22.56 19.77
N PRO B 360 2.27 -21.44 19.24
CA PRO B 360 1.91 -20.16 19.82
C PRO B 360 0.59 -19.60 19.24
N HIS B 361 0.00 -20.29 18.27
CA HIS B 361 -1.30 -19.91 17.71
C HIS B 361 -2.40 -20.19 18.71
N TYR B 362 -3.36 -19.28 18.84
CA TYR B 362 -4.55 -19.59 19.65
C TYR B 362 -5.73 -18.76 19.24
N GLN B 363 -6.91 -19.21 19.66
CA GLN B 363 -8.10 -18.38 19.56
C GLN B 363 -9.05 -18.85 20.66
N ILE B 364 -9.64 -17.88 21.36
CA ILE B 364 -10.61 -18.16 22.42
C ILE B 364 -12.03 -18.08 21.91
N VAL B 365 -12.86 -19.04 22.27
CA VAL B 365 -14.26 -19.01 21.90
C VAL B 365 -15.09 -19.05 23.18
N LEU B 366 -15.98 -18.07 23.34
CA LEU B 366 -16.82 -17.98 24.54
C LEU B 366 -18.24 -18.39 24.20
N THR B 367 -18.75 -19.38 24.93
CA THR B 367 -20.13 -19.80 24.81
C THR B 367 -20.80 -19.80 26.18
N LYS B 368 -22.11 -20.03 26.19
CA LYS B 368 -22.84 -20.15 27.43
C LYS B 368 -23.45 -21.54 27.48
N GLU B 369 -23.30 -22.20 28.61
CA GLU B 369 -23.95 -23.48 28.89
C GLU B 369 -24.71 -23.43 30.21
N GLY B 370 -26.01 -23.15 30.12
CA GLY B 370 -26.79 -22.89 31.32
C GLY B 370 -26.27 -21.65 32.01
N PRO B 371 -25.88 -21.77 33.29
CA PRO B 371 -25.36 -20.65 34.08
C PRO B 371 -23.90 -20.29 33.73
N LEU B 372 -23.23 -21.16 32.99
CA LEU B 372 -21.77 -21.13 32.91
C LEU B 372 -21.29 -20.37 31.69
N ASP B 373 -20.33 -19.47 31.89
CA ASP B 373 -19.47 -19.03 30.80
C ASP B 373 -18.44 -20.10 30.48
N VAL B 374 -18.48 -20.60 29.25
CA VAL B 374 -17.51 -21.59 28.82
C VAL B 374 -16.44 -20.93 27.97
N LEU B 375 -15.20 -21.01 28.42
CA LEU B 375 -14.07 -20.46 27.68
C LEU B 375 -13.31 -21.61 27.07
N THR B 376 -13.39 -21.71 25.75
CA THR B 376 -12.72 -22.77 25.04
C THR B 376 -11.50 -22.17 24.37
N LEU B 377 -10.33 -22.68 24.74
CA LEU B 377 -9.07 -22.19 24.17
C LEU B 377 -8.63 -23.14 23.06
N ASN B 378 -8.76 -22.70 21.83
CA ASN B 378 -8.36 -23.50 20.67
C ASN B 378 -6.86 -23.34 20.46
N VAL B 379 -6.16 -24.48 20.53
CA VAL B 379 -4.70 -24.50 20.38
C VAL B 379 -4.32 -25.52 19.29
N GLU B 380 -3.04 -25.58 18.94
CA GLU B 380 -2.54 -26.57 17.99
C GLU B 380 -1.25 -27.18 18.55
N PRO B 381 -0.93 -28.42 18.17
CA PRO B 381 0.42 -28.92 18.44
C PRO B 381 1.45 -28.15 17.61
N CYS B 382 2.70 -28.18 18.04
CA CYS B 382 3.81 -28.01 17.08
C CYS B 382 3.78 -29.13 16.05
N PRO B 383 4.21 -28.80 14.82
CA PRO B 383 4.43 -29.80 13.79
C PRO B 383 5.17 -31.05 14.30
N GLU B 384 6.24 -30.86 15.05
CA GLU B 384 7.07 -31.97 15.53
C GLU B 384 6.35 -32.84 16.57
N THR B 385 5.43 -32.24 17.32
CA THR B 385 4.83 -32.93 18.47
C THR B 385 3.41 -33.43 18.19
N ALA B 386 2.91 -33.14 16.98
CA ALA B 386 1.54 -33.48 16.61
C ALA B 386 1.25 -34.97 16.80
N PRO B 387 2.23 -35.84 16.45
CA PRO B 387 1.89 -37.26 16.54
C PRO B 387 2.13 -37.78 17.95
N ASP B 388 2.70 -36.94 18.81
CA ASP B 388 3.03 -37.35 20.17
C ASP B 388 1.85 -37.13 21.09
N THR B 389 0.92 -38.08 21.08
CA THR B 389 -0.33 -37.94 21.79
C THR B 389 -0.13 -37.77 23.29
N ALA B 390 0.83 -38.49 23.87
CA ALA B 390 1.10 -38.35 25.30
C ALA B 390 1.56 -36.94 25.67
N ALA B 391 2.47 -36.38 24.89
CA ALA B 391 2.98 -35.04 25.20
C ALA B 391 1.86 -34.01 25.11
N ILE B 392 1.01 -34.16 24.09
CA ILE B 392 -0.12 -33.25 23.90
C ILE B 392 -1.11 -33.35 25.06
N GLN B 393 -1.35 -34.57 25.55
CA GLN B 393 -2.26 -34.76 26.67
C GLN B 393 -1.74 -34.03 27.91
N VAL B 394 -0.44 -34.11 28.15
CA VAL B 394 0.11 -33.52 29.35
C VAL B 394 0.03 -32.00 29.19
N ALA B 395 0.35 -31.50 28.02
CA ALA B 395 0.28 -30.04 27.75
C ALA B 395 -1.13 -29.48 27.98
N LYS B 396 -2.15 -30.21 27.54
CA LYS B 396 -3.53 -29.79 27.72
C LYS B 396 -3.82 -29.65 29.21
N GLN B 397 -3.50 -30.71 29.95
CA GLN B 397 -3.84 -30.76 31.35
C GLN B 397 -3.12 -29.67 32.10
N ALA B 398 -1.83 -29.51 31.82
CA ALA B 398 -1.01 -28.54 32.53
C ALA B 398 -1.48 -27.11 32.24
N LEU B 399 -1.92 -26.89 31.02
CA LEU B 399 -2.43 -25.58 30.60
C LEU B 399 -3.75 -25.26 31.31
N ALA B 400 -4.63 -26.25 31.40
CA ALA B 400 -5.89 -26.05 32.10
C ALA B 400 -5.61 -25.72 33.56
N TYR B 401 -4.71 -26.48 34.19
CA TYR B 401 -4.33 -26.25 35.58
C TYR B 401 -3.75 -24.87 35.80
N ASP B 402 -2.84 -24.47 34.93
CA ASP B 402 -2.22 -23.14 35.03
C ASP B 402 -3.27 -22.03 34.94
N ILE B 403 -4.23 -22.19 34.04
CA ILE B 403 -5.28 -21.17 33.87
C ILE B 403 -6.18 -21.14 35.11
N LYS B 404 -6.52 -22.31 35.64
CA LYS B 404 -7.39 -22.37 36.81
C LYS B 404 -6.66 -21.79 38.03
N SER B 405 -5.45 -22.28 38.29
CA SER B 405 -4.77 -21.96 39.53
C SER B 405 -4.27 -20.52 39.56
N LEU B 406 -3.84 -20.00 38.41
CA LEU B 406 -3.23 -18.67 38.38
C LEU B 406 -4.19 -17.55 37.97
N ILE B 407 -5.21 -17.89 37.17
CA ILE B 407 -6.14 -16.88 36.66
C ILE B 407 -7.52 -17.02 37.33
N GLY B 408 -7.86 -18.22 37.78
CA GLY B 408 -9.15 -18.44 38.45
C GLY B 408 -10.28 -18.75 37.48
N VAL B 409 -9.92 -19.29 36.32
CA VAL B 409 -10.84 -19.52 35.22
C VAL B 409 -10.79 -21.00 34.82
N THR B 410 -11.94 -21.65 34.71
CA THR B 410 -12.01 -22.96 34.09
C THR B 410 -12.05 -22.85 32.57
N ALA B 411 -11.03 -23.40 31.90
CA ALA B 411 -11.03 -23.41 30.45
C ALA B 411 -11.04 -24.82 29.90
N VAL B 412 -11.70 -24.98 28.76
CA VAL B 412 -11.64 -26.19 27.98
C VAL B 412 -10.53 -26.03 26.97
N ILE B 413 -9.56 -26.93 26.99
CA ILE B 413 -8.46 -26.89 26.03
C ILE B 413 -8.78 -27.79 24.84
N ASN B 414 -8.97 -27.15 23.70
CA ASN B 414 -9.35 -27.83 22.47
C ASN B 414 -8.20 -27.87 21.48
N VAL B 415 -7.60 -29.06 21.34
CA VAL B 415 -6.42 -29.20 20.48
C VAL B 415 -6.84 -29.51 19.06
N LEU B 416 -6.65 -28.53 18.19
CA LEU B 416 -6.99 -28.66 16.77
C LEU B 416 -5.81 -29.22 16.02
N PRO B 417 -6.02 -29.68 14.79
CA PRO B 417 -4.91 -30.14 14.00
C PRO B 417 -4.04 -28.94 13.63
N VAL B 418 -2.82 -29.21 13.22
CA VAL B 418 -1.95 -28.16 12.67
C VAL B 418 -2.67 -27.41 11.55
N ASN B 419 -2.62 -26.07 11.62
CA ASN B 419 -3.35 -25.22 10.66
C ASN B 419 -4.86 -25.20 10.85
N GLY B 420 -5.35 -25.73 11.96
CA GLY B 420 -6.80 -25.71 12.24
C GLY B 420 -7.36 -24.34 12.61
N ILE B 421 -6.50 -23.48 13.15
CA ILE B 421 -6.92 -22.13 13.51
C ILE B 421 -6.65 -21.18 12.36
N GLU B 422 -7.70 -20.50 11.91
CA GLU B 422 -7.59 -19.46 10.89
C GLU B 422 -6.40 -18.56 11.20
N ARG B 423 -5.49 -18.41 10.24
CA ARG B 423 -4.29 -17.62 10.45
C ARG B 423 -4.59 -16.12 10.31
N SER B 424 -3.89 -15.32 11.10
CA SER B 424 -4.02 -13.87 11.02
C SER B 424 -3.26 -13.34 9.80
N VAL B 425 -3.81 -12.33 9.14
CA VAL B 425 -3.03 -11.54 8.19
C VAL B 425 -2.57 -10.21 8.77
N GLY B 426 -3.10 -9.88 9.94
CA GLY B 426 -2.77 -8.61 10.56
C GLY B 426 -3.07 -8.65 12.04
N LYS B 427 -4.19 -8.05 12.42
CA LYS B 427 -4.63 -8.06 13.81
C LYS B 427 -5.42 -9.35 14.03
N ALA B 428 -4.83 -10.29 14.76
CA ALA B 428 -5.51 -11.56 15.05
C ALA B 428 -6.82 -11.30 15.78
N ARG B 429 -7.84 -12.09 15.46
CA ARG B 429 -9.04 -12.08 16.30
C ARG B 429 -8.89 -13.10 17.44
N ARG B 430 -8.57 -12.60 18.64
CA ARG B 430 -8.17 -13.49 19.73
C ARG B 430 -9.42 -14.10 20.34
N VAL B 431 -10.54 -13.38 20.24
CA VAL B 431 -11.75 -13.82 20.93
C VAL B 431 -12.97 -13.84 20.03
N VAL B 432 -13.66 -14.99 20.00
CA VAL B 432 -14.93 -15.10 19.28
C VAL B 432 -16.02 -15.32 20.31
N ASP B 433 -16.80 -14.29 20.59
CA ASP B 433 -17.76 -14.36 21.71
C ASP B 433 -19.13 -14.69 21.18
N LYS B 434 -19.54 -15.94 21.39
CA LYS B 434 -20.78 -16.45 20.84
C LYS B 434 -21.91 -16.41 21.87
N ARG B 435 -21.66 -15.82 23.02
CA ARG B 435 -22.72 -15.68 24.03
C ARG B 435 -23.76 -14.65 23.60
#